data_5BUF
#
_entry.id   5BUF
#
_cell.length_a   73.893
_cell.length_b   103.380
_cell.length_c   113.204
_cell.angle_alpha   90.000
_cell.angle_beta   90.000
_cell.angle_gamma   90.000
#
_symmetry.space_group_name_H-M   'P 21 21 21'
#
loop_
_entity.id
_entity.type
_entity.pdbx_description
1 polymer '3-phosphoshikimate 1-carboxyvinyltransferase'
2 non-polymer 'CHLORIDE ION'
3 water water
#
_entity_poly.entity_id   1
_entity_poly.type   'polypeptide(L)'
_entity_poly.pdbx_seq_one_letter_code
;GHAKKPLMEKNKVTQQFSILPGNKAFKGKFTVPGDKSVSHRSIMFGAIAEGTTHVTGFLEGEDALATLQAFRDMGVSIEG
PKNGEVTIHGVGMHGLKAPASALYMGNSGTSMRLLSGMLSAQKFDSVMTGDASLSKRPMERIAKPLRLMGAQIQTTGEKG
TPPVSITGGQQLKGIQYDLPMASAQVKSGILLAGLWAEGETSVTEPEPTRDHTERMLRAFGYDVKTEGNKISLVGGGKLV
GTNIQVPSDISSAAFFMVGAAITEGADVVLEAVGINPTRTGVIEILKQMGADLTVENERIAGGEPIADIHIKGSRTLKGI
HMPEDQVPLAIDEFPALFIAAACAEGQTVLTGAAELRVKESDRIQVMADGLKIMGIDCTPTEDGIIIEGKGKSGDWSPIF
AGGEIESHHDHRIAMSFSMAGLRTSGPITIHGTETVATSFPTFTELANRAGLTIEVSQ
;
_entity_poly.pdbx_strand_id   A,B
#
loop_
_chem_comp.id
_chem_comp.type
_chem_comp.name
_chem_comp.formula
CL non-polymer 'CHLORIDE ION' 'Cl -1'
#
# COMPACT_ATOMS: atom_id res chain seq x y z
N THR A 14 9.61 3.79 9.97
CA THR A 14 10.99 3.33 10.10
C THR A 14 11.14 2.34 11.24
N GLN A 15 12.10 1.43 11.06
CA GLN A 15 12.45 0.41 12.04
C GLN A 15 13.95 0.32 12.04
N GLN A 16 14.54 -0.07 13.19
CA GLN A 16 15.98 -0.16 13.28
C GLN A 16 16.45 -1.38 14.05
N PHE A 17 17.63 -1.87 13.67
CA PHE A 17 18.28 -2.97 14.36
C PHE A 17 19.35 -2.41 15.28
N SER A 18 19.44 -2.98 16.47
CA SER A 18 20.46 -2.59 17.43
C SER A 18 21.31 -3.79 17.81
N ILE A 19 22.63 -3.60 17.81
CA ILE A 19 23.56 -4.67 18.15
C ILE A 19 24.65 -4.13 19.07
N LEU A 20 24.97 -4.89 20.10
CA LEU A 20 25.94 -4.48 21.10
C LEU A 20 27.29 -5.14 20.83
N PRO A 21 28.38 -4.46 21.20
CA PRO A 21 29.71 -5.01 20.92
C PRO A 21 30.06 -6.15 21.87
N GLY A 22 31.17 -6.83 21.61
CA GLY A 22 31.62 -7.93 22.46
C GLY A 22 31.80 -9.22 21.68
N ASN A 23 32.60 -10.13 22.25
CA ASN A 23 32.85 -11.42 21.64
C ASN A 23 31.58 -12.26 21.54
N LYS A 24 31.19 -12.57 20.31
CA LYS A 24 30.00 -13.37 20.04
C LYS A 24 30.36 -14.82 19.72
N ALA A 25 29.46 -15.73 20.05
CA ALA A 25 29.52 -17.09 19.51
C ALA A 25 28.63 -17.14 18.28
N PHE A 26 28.92 -18.07 17.37
CA PHE A 26 28.12 -18.22 16.17
C PHE A 26 28.13 -19.69 15.74
N LYS A 27 27.14 -20.44 16.21
CA LYS A 27 27.11 -21.88 15.98
C LYS A 27 25.69 -22.42 15.95
N GLY A 28 25.50 -23.53 15.25
CA GLY A 28 24.22 -24.22 15.25
C GLY A 28 23.88 -24.86 13.91
N LYS A 29 22.74 -25.54 13.88
CA LYS A 29 22.21 -26.15 12.66
C LYS A 29 20.91 -25.45 12.28
N PHE A 30 20.89 -24.80 11.11
CA PHE A 30 19.76 -23.95 10.74
C PHE A 30 19.27 -24.18 9.32
N THR A 31 18.00 -23.86 9.09
CA THR A 31 17.39 -23.89 7.77
C THR A 31 16.73 -22.54 7.45
N VAL A 32 17.28 -21.82 6.48
CA VAL A 32 16.75 -20.51 6.11
C VAL A 32 15.47 -20.68 5.27
N PRO A 33 14.69 -19.59 5.11
CA PRO A 33 13.42 -19.64 4.37
C PRO A 33 13.57 -20.03 2.90
N GLY A 34 12.46 -20.44 2.30
CA GLY A 34 12.45 -20.92 0.92
C GLY A 34 12.86 -19.88 -0.10
N ASP A 35 13.45 -20.36 -1.19
CA ASP A 35 13.82 -19.51 -2.31
C ASP A 35 12.62 -18.75 -2.84
N LYS A 36 12.78 -17.45 -2.97
CA LYS A 36 11.72 -16.55 -3.41
C LYS A 36 11.20 -16.88 -4.82
N SER A 37 12.13 -17.01 -5.76
CA SER A 37 11.79 -17.21 -7.17
C SER A 37 11.17 -18.57 -7.41
N VAL A 38 11.78 -19.61 -6.88
CA VAL A 38 11.30 -20.97 -7.06
C VAL A 38 9.90 -21.13 -6.46
N SER A 39 9.66 -20.45 -5.33
CA SER A 39 8.34 -20.46 -4.72
C SER A 39 7.31 -19.92 -5.70
N HIS A 40 7.67 -18.86 -6.39
CA HIS A 40 6.78 -18.24 -7.36
C HIS A 40 6.48 -19.16 -8.54
N ARG A 41 7.51 -19.80 -9.07
CA ARG A 41 7.35 -20.66 -10.24
C ARG A 41 6.41 -21.83 -9.95
N SER A 42 6.44 -22.34 -8.72
CA SER A 42 5.63 -23.48 -8.35
C SER A 42 4.14 -23.13 -8.45
N ILE A 43 3.83 -21.86 -8.24
CA ILE A 43 2.46 -21.37 -8.37
C ILE A 43 2.09 -21.25 -9.85
N MET A 44 2.98 -20.64 -10.63
CA MET A 44 2.76 -20.44 -12.06
C MET A 44 2.35 -21.72 -12.76
N PHE A 45 3.05 -22.80 -12.45
CA PHE A 45 2.91 -24.04 -13.19
C PHE A 45 1.97 -25.01 -12.50
N GLY A 46 1.92 -24.94 -11.16
CA GLY A 46 0.97 -25.74 -10.42
C GLY A 46 -0.47 -25.40 -10.79
N ALA A 47 -0.70 -24.12 -11.09
CA ALA A 47 -2.05 -23.65 -11.41
C ALA A 47 -2.58 -24.27 -12.69
N ILE A 48 -1.73 -24.41 -13.69
CA ILE A 48 -2.14 -24.90 -15.01
C ILE A 48 -1.76 -26.35 -15.27
N ALA A 49 -1.34 -27.06 -14.23
CA ALA A 49 -0.94 -28.46 -14.37
C ALA A 49 -2.14 -29.40 -14.21
N GLU A 50 -1.97 -30.63 -14.66
CA GLU A 50 -2.98 -31.68 -14.44
C GLU A 50 -2.87 -32.24 -13.03
N GLY A 51 -3.96 -32.17 -12.29
CA GLY A 51 -4.03 -32.76 -10.96
C GLY A 51 -3.53 -31.81 -9.89
N THR A 52 -3.38 -32.35 -8.68
CA THR A 52 -3.01 -31.55 -7.52
C THR A 52 -1.49 -31.39 -7.41
N THR A 53 -1.08 -30.21 -6.95
CA THR A 53 0.31 -29.94 -6.61
C THR A 53 0.41 -29.54 -5.15
N HIS A 54 1.34 -30.18 -4.42
CA HIS A 54 1.62 -29.82 -3.04
C HIS A 54 3.00 -29.18 -2.93
N VAL A 55 3.05 -27.96 -2.41
CA VAL A 55 4.31 -27.23 -2.27
C VAL A 55 4.68 -27.16 -0.78
N THR A 56 5.95 -27.39 -0.48
CA THR A 56 6.47 -27.26 0.88
C THR A 56 7.74 -26.43 0.87
N GLY A 57 8.01 -25.77 2.00
CA GLY A 57 9.15 -24.87 2.10
C GLY A 57 8.85 -23.59 1.34
N PHE A 58 7.56 -23.33 1.12
CA PHE A 58 7.13 -22.16 0.37
C PHE A 58 7.36 -20.87 1.16
N LEU A 59 7.91 -19.86 0.49
CA LEU A 59 7.99 -18.51 1.05
C LEU A 59 7.17 -17.57 0.18
N GLU A 60 6.18 -16.91 0.77
CA GLU A 60 5.37 -15.97 0.01
C GLU A 60 6.00 -14.58 0.07
N GLY A 61 6.36 -14.07 -1.10
CA GLY A 61 6.93 -12.75 -1.22
C GLY A 61 5.98 -11.87 -2.03
N GLU A 62 6.49 -10.73 -2.49
CA GLU A 62 5.69 -9.82 -3.28
C GLU A 62 5.22 -10.47 -4.57
N ASP A 63 6.09 -11.28 -5.17
CA ASP A 63 5.76 -11.94 -6.43
C ASP A 63 4.72 -13.05 -6.24
N ALA A 64 4.93 -13.88 -5.23
CA ALA A 64 4.04 -15.01 -4.96
C ALA A 64 2.61 -14.56 -4.68
N LEU A 65 2.46 -13.54 -3.84
CA LEU A 65 1.13 -13.10 -3.42
C LEU A 65 0.34 -12.52 -4.60
N ALA A 66 1.00 -11.75 -5.44
CA ALA A 66 0.35 -11.16 -6.61
C ALA A 66 -0.06 -12.25 -7.59
N THR A 67 0.81 -13.24 -7.79
CA THR A 67 0.52 -14.34 -8.71
C THR A 67 -0.55 -15.27 -8.14
N LEU A 68 -0.50 -15.49 -6.83
CA LEU A 68 -1.51 -16.30 -6.15
C LEU A 68 -2.90 -15.71 -6.39
N GLN A 69 -3.02 -14.41 -6.17
CA GLN A 69 -4.30 -13.73 -6.35
C GLN A 69 -4.78 -13.80 -7.80
N ALA A 70 -3.84 -13.62 -8.73
CA ALA A 70 -4.17 -13.66 -10.14
C ALA A 70 -4.84 -14.97 -10.53
N PHE A 71 -4.27 -16.09 -10.09
CA PHE A 71 -4.81 -17.39 -10.44
C PHE A 71 -6.09 -17.70 -9.68
N ARG A 72 -6.22 -17.15 -8.48
CA ARG A 72 -7.48 -17.25 -7.75
C ARG A 72 -8.56 -16.52 -8.52
N ASP A 73 -8.23 -15.34 -9.03
CA ASP A 73 -9.18 -14.56 -9.82
C ASP A 73 -9.57 -15.30 -11.09
N MET A 74 -8.68 -16.16 -11.57
CA MET A 74 -8.93 -16.91 -12.80
C MET A 74 -9.47 -18.31 -12.51
N GLY A 75 -9.98 -18.51 -11.30
CA GLY A 75 -10.76 -19.69 -10.98
C GLY A 75 -10.03 -20.85 -10.31
N VAL A 76 -8.75 -20.69 -10.04
CA VAL A 76 -7.95 -21.76 -9.45
C VAL A 76 -8.16 -21.85 -7.94
N SER A 77 -8.47 -23.06 -7.46
CA SER A 77 -8.63 -23.30 -6.04
C SER A 77 -7.27 -23.56 -5.40
N ILE A 78 -6.96 -22.81 -4.35
CA ILE A 78 -5.66 -22.90 -3.71
C ILE A 78 -5.78 -22.83 -2.19
N GLU A 79 -5.28 -23.85 -1.50
CA GLU A 79 -5.17 -23.82 -0.05
C GLU A 79 -3.82 -23.25 0.35
N GLY A 80 -3.83 -22.28 1.26
CA GLY A 80 -2.60 -21.68 1.75
C GLY A 80 -2.27 -20.41 1.00
N PRO A 81 -1.03 -19.92 1.15
CA PRO A 81 0.03 -20.58 1.92
C PRO A 81 -0.21 -20.55 3.42
N LYS A 82 0.21 -21.63 4.07
CA LYS A 82 0.09 -21.76 5.52
C LYS A 82 1.23 -22.61 6.05
N ASN A 83 2.09 -21.99 6.85
CA ASN A 83 3.27 -22.66 7.41
C ASN A 83 4.17 -23.20 6.31
N GLY A 84 4.31 -22.43 5.22
CA GLY A 84 5.15 -22.82 4.12
C GLY A 84 4.55 -23.89 3.22
N GLU A 85 3.28 -24.22 3.44
CA GLU A 85 2.60 -25.24 2.66
C GLU A 85 1.49 -24.67 1.77
N VAL A 86 1.47 -25.10 0.51
CA VAL A 86 0.46 -24.70 -0.45
C VAL A 86 -0.06 -25.91 -1.23
N THR A 87 -1.38 -26.04 -1.32
CA THR A 87 -2.00 -27.06 -2.16
C THR A 87 -2.71 -26.38 -3.33
N ILE A 88 -2.32 -26.78 -4.55
CA ILE A 88 -2.86 -26.18 -5.76
C ILE A 88 -3.65 -27.19 -6.58
N HIS A 89 -4.95 -26.94 -6.74
CA HIS A 89 -5.77 -27.78 -7.57
C HIS A 89 -5.70 -27.31 -9.02
N GLY A 90 -4.68 -27.79 -9.72
CA GLY A 90 -4.43 -27.41 -11.10
C GLY A 90 -5.63 -27.64 -11.99
N VAL A 91 -5.76 -26.81 -13.03
CA VAL A 91 -6.93 -26.83 -13.90
C VAL A 91 -6.59 -27.20 -15.33
N GLY A 92 -5.33 -27.57 -15.56
CA GLY A 92 -4.89 -27.97 -16.89
C GLY A 92 -4.52 -26.77 -17.74
N MET A 93 -3.96 -27.05 -18.91
CA MET A 93 -3.43 -26.01 -19.79
C MET A 93 -4.51 -25.05 -20.27
N HIS A 94 -5.76 -25.49 -20.26
CA HIS A 94 -6.86 -24.70 -20.82
C HIS A 94 -8.00 -24.47 -19.82
N GLY A 95 -7.72 -24.64 -18.54
CA GLY A 95 -8.74 -24.54 -17.51
C GLY A 95 -8.87 -23.19 -16.85
N LEU A 96 -8.00 -22.24 -17.22
CA LEU A 96 -8.08 -20.91 -16.67
C LEU A 96 -9.38 -20.23 -17.11
N LYS A 97 -9.95 -19.42 -16.23
CA LYS A 97 -11.17 -18.67 -16.52
C LYS A 97 -10.89 -17.18 -16.55
N ALA A 98 -11.72 -16.44 -17.26
CA ALA A 98 -11.52 -15.01 -17.44
C ALA A 98 -11.63 -14.27 -16.11
N PRO A 99 -10.66 -13.37 -15.83
CA PRO A 99 -10.77 -12.59 -14.59
C PRO A 99 -11.90 -11.57 -14.69
N ALA A 100 -12.67 -11.40 -13.63
CA ALA A 100 -13.82 -10.50 -13.64
C ALA A 100 -13.38 -9.04 -13.73
N SER A 101 -12.16 -8.76 -13.31
CA SER A 101 -11.63 -7.40 -13.37
C SER A 101 -10.12 -7.42 -13.61
N ALA A 102 -9.50 -6.25 -13.50
CA ALA A 102 -8.08 -6.12 -13.73
C ALA A 102 -7.29 -6.94 -12.74
N LEU A 103 -6.21 -7.55 -13.21
CA LEU A 103 -5.31 -8.31 -12.34
C LEU A 103 -4.26 -7.38 -11.75
N TYR A 104 -4.39 -7.10 -10.46
CA TYR A 104 -3.49 -6.17 -9.78
C TYR A 104 -2.20 -6.86 -9.38
N MET A 105 -1.08 -6.35 -9.90
CA MET A 105 0.23 -6.97 -9.70
C MET A 105 1.03 -6.34 -8.56
N GLY A 106 0.52 -5.24 -8.02
CA GLY A 106 1.24 -4.53 -6.97
C GLY A 106 2.55 -3.98 -7.50
N ASN A 107 3.65 -4.43 -6.90
CA ASN A 107 4.99 -4.00 -7.33
C ASN A 107 5.76 -5.11 -8.02
N SER A 108 5.07 -6.21 -8.32
CA SER A 108 5.72 -7.38 -8.89
C SER A 108 5.85 -7.28 -10.41
N GLY A 109 6.94 -6.71 -10.88
CA GLY A 109 7.23 -6.68 -12.30
C GLY A 109 7.43 -8.10 -12.82
N THR A 110 7.97 -8.96 -11.96
CA THR A 110 8.19 -10.36 -12.30
C THR A 110 6.88 -11.06 -12.63
N SER A 111 5.89 -10.89 -11.76
CA SER A 111 4.56 -11.46 -12.00
C SER A 111 4.01 -10.96 -13.32
N MET A 112 4.09 -9.65 -13.52
CA MET A 112 3.51 -9.01 -14.70
C MET A 112 4.17 -9.51 -15.99
N ARG A 113 5.49 -9.66 -15.97
CA ARG A 113 6.21 -10.09 -17.17
C ARG A 113 5.99 -11.57 -17.49
N LEU A 114 6.02 -12.42 -16.48
CA LEU A 114 5.81 -13.85 -16.70
C LEU A 114 4.36 -14.15 -17.08
N LEU A 115 3.42 -13.46 -16.46
CA LEU A 115 2.00 -13.66 -16.74
C LEU A 115 1.62 -13.06 -18.10
N SER A 116 2.37 -12.07 -18.56
CA SER A 116 2.15 -11.51 -19.90
C SER A 116 2.17 -12.62 -20.94
N GLY A 117 3.22 -13.43 -20.92
CA GLY A 117 3.38 -14.53 -21.84
C GLY A 117 2.24 -15.52 -21.72
N MET A 118 1.94 -15.88 -20.48
CA MET A 118 0.89 -16.85 -20.20
C MET A 118 -0.48 -16.31 -20.60
N LEU A 119 -0.76 -15.05 -20.25
CA LEU A 119 -2.06 -14.45 -20.53
C LEU A 119 -2.28 -14.17 -22.02
N SER A 120 -1.19 -13.96 -22.75
CA SER A 120 -1.29 -13.64 -24.18
C SER A 120 -1.68 -14.87 -24.99
N ALA A 121 -1.72 -16.02 -24.33
CA ALA A 121 -2.04 -17.28 -24.99
C ALA A 121 -3.42 -17.79 -24.62
N GLN A 122 -4.12 -17.04 -23.77
CA GLN A 122 -5.42 -17.48 -23.27
C GLN A 122 -6.54 -17.08 -24.20
N LYS A 123 -7.67 -17.77 -24.07
CA LYS A 123 -8.87 -17.47 -24.83
C LYS A 123 -9.45 -16.11 -24.48
N PHE A 124 -9.24 -15.68 -23.23
CA PHE A 124 -9.92 -14.49 -22.69
C PHE A 124 -9.02 -13.26 -22.63
N ASP A 125 -9.64 -12.09 -22.51
CA ASP A 125 -8.91 -10.84 -22.34
C ASP A 125 -8.43 -10.67 -20.90
N SER A 126 -7.47 -9.78 -20.71
CA SER A 126 -6.99 -9.45 -19.37
C SER A 126 -6.32 -8.09 -19.35
N VAL A 127 -6.36 -7.45 -18.19
CA VAL A 127 -5.62 -6.21 -17.95
C VAL A 127 -4.79 -6.40 -16.69
N MET A 128 -3.50 -6.08 -16.79
CA MET A 128 -2.61 -6.10 -15.64
C MET A 128 -2.24 -4.69 -15.25
N THR A 129 -2.38 -4.43 -13.95
CA THR A 129 -2.10 -3.12 -13.38
C THR A 129 -1.17 -3.27 -12.19
N GLY A 130 -0.53 -2.17 -11.80
CA GLY A 130 0.43 -2.20 -10.70
C GLY A 130 0.35 -0.95 -9.83
N ASP A 131 1.19 -0.90 -8.81
CA ASP A 131 1.20 0.25 -7.90
C ASP A 131 1.97 1.39 -8.55
N ALA A 132 2.28 2.43 -7.78
CA ALA A 132 2.90 3.62 -8.34
C ALA A 132 4.27 3.30 -8.93
N SER A 133 4.99 2.38 -8.31
CA SER A 133 6.33 2.02 -8.77
C SER A 133 6.29 1.20 -10.07
N LEU A 134 5.40 0.22 -10.11
CA LEU A 134 5.31 -0.67 -11.27
C LEU A 134 4.76 0.07 -12.48
N SER A 135 3.91 1.06 -12.21
CA SER A 135 3.31 1.87 -13.27
C SER A 135 4.35 2.63 -14.09
N LYS A 136 5.55 2.79 -13.55
CA LYS A 136 6.62 3.52 -14.24
C LYS A 136 7.55 2.58 -15.03
N ARG A 137 7.39 1.28 -14.85
CA ARG A 137 8.33 0.31 -15.43
C ARG A 137 7.92 -0.10 -16.85
N PRO A 138 8.80 0.14 -17.85
CA PRO A 138 8.45 -0.27 -19.22
C PRO A 138 8.31 -1.78 -19.38
N MET A 139 7.44 -2.20 -20.30
CA MET A 139 7.13 -3.62 -20.50
C MET A 139 7.30 -4.05 -21.97
N GLU A 140 8.01 -3.24 -22.76
CA GLU A 140 8.12 -3.48 -24.19
C GLU A 140 9.16 -4.52 -24.57
N ARG A 141 10.09 -4.81 -23.66
CA ARG A 141 11.10 -5.81 -23.95
C ARG A 141 10.50 -7.22 -23.97
N ILE A 142 9.42 -7.40 -23.23
CA ILE A 142 8.69 -8.67 -23.24
C ILE A 142 7.52 -8.60 -24.22
N ALA A 143 6.90 -7.44 -24.33
CA ALA A 143 5.75 -7.27 -25.20
C ALA A 143 6.13 -7.45 -26.67
N LYS A 144 7.30 -6.94 -27.04
CA LYS A 144 7.74 -6.95 -28.43
C LYS A 144 7.86 -8.38 -28.97
N PRO A 145 8.63 -9.25 -28.30
CA PRO A 145 8.72 -10.63 -28.80
C PRO A 145 7.38 -11.36 -28.78
N LEU A 146 6.52 -11.08 -27.81
CA LEU A 146 5.22 -11.72 -27.74
C LEU A 146 4.36 -11.33 -28.96
N ARG A 147 4.49 -10.08 -29.40
CA ARG A 147 3.75 -9.62 -30.57
C ARG A 147 4.22 -10.36 -31.82
N LEU A 148 5.49 -10.73 -31.86
CA LEU A 148 6.03 -11.50 -32.99
C LEU A 148 5.41 -12.90 -33.04
N MET A 149 5.04 -13.41 -31.87
CA MET A 149 4.40 -14.72 -31.77
C MET A 149 2.93 -14.66 -32.17
N GLY A 150 2.42 -13.44 -32.32
CA GLY A 150 1.05 -13.23 -32.77
C GLY A 150 0.15 -12.72 -31.66
N ALA A 151 0.75 -12.33 -30.54
CA ALA A 151 -0.01 -11.85 -29.39
C ALA A 151 -0.51 -10.43 -29.61
N GLN A 152 -1.69 -10.14 -29.08
CA GLN A 152 -2.24 -8.79 -29.09
C GLN A 152 -2.09 -8.21 -27.69
N ILE A 153 -1.07 -7.38 -27.52
CA ILE A 153 -0.72 -6.85 -26.21
C ILE A 153 -0.45 -5.35 -26.29
N GLN A 154 -1.31 -4.59 -25.63
CA GLN A 154 -1.21 -3.14 -25.60
C GLN A 154 -0.55 -2.63 -24.33
N THR A 155 0.35 -1.67 -24.46
CA THR A 155 0.96 -1.01 -23.31
C THR A 155 0.61 0.48 -23.31
N THR A 156 0.97 1.16 -22.23
CA THR A 156 0.57 2.55 -22.02
C THR A 156 1.66 3.55 -22.37
N GLY A 157 1.32 4.48 -23.26
CA GLY A 157 2.20 5.59 -23.60
C GLY A 157 3.40 5.22 -24.43
N GLU A 158 4.36 6.14 -24.51
CA GLU A 158 5.52 5.99 -25.37
C GLU A 158 6.57 5.06 -24.76
N LYS A 159 6.67 5.09 -23.44
CA LYS A 159 7.61 4.23 -22.73
C LYS A 159 7.05 2.82 -22.58
N GLY A 160 5.79 2.64 -22.97
CA GLY A 160 5.14 1.35 -22.89
C GLY A 160 5.06 0.76 -21.49
N THR A 161 4.52 1.55 -20.57
CA THR A 161 4.37 1.14 -19.18
C THR A 161 2.98 0.56 -18.94
N PRO A 162 2.72 0.04 -17.73
CA PRO A 162 1.38 -0.45 -17.43
C PRO A 162 0.35 0.68 -17.37
N PRO A 163 -0.95 0.35 -17.48
CA PRO A 163 -1.52 -1.00 -17.58
C PRO A 163 -1.16 -1.74 -18.87
N VAL A 164 -1.07 -3.07 -18.75
CA VAL A 164 -0.83 -3.95 -19.90
C VAL A 164 -2.13 -4.63 -20.26
N SER A 165 -2.65 -4.33 -21.45
CA SER A 165 -3.94 -4.85 -21.88
C SER A 165 -3.78 -5.91 -22.96
N ILE A 166 -4.24 -7.12 -22.64
CA ILE A 166 -4.05 -8.27 -23.50
C ILE A 166 -5.39 -8.76 -24.06
N THR A 167 -5.40 -9.06 -25.36
CA THR A 167 -6.59 -9.60 -26.02
C THR A 167 -6.39 -11.08 -26.33
N GLY A 168 -7.30 -11.91 -25.83
CA GLY A 168 -7.18 -13.34 -25.98
C GLY A 168 -7.78 -13.85 -27.26
N GLY A 169 -7.82 -15.17 -27.40
CA GLY A 169 -8.40 -15.82 -28.55
C GLY A 169 -7.49 -15.79 -29.76
N GLN A 170 -6.18 -15.69 -29.51
CA GLN A 170 -5.20 -15.68 -30.57
C GLN A 170 -4.55 -17.05 -30.75
N GLN A 171 -3.95 -17.25 -31.93
CA GLN A 171 -3.18 -18.44 -32.22
C GLN A 171 -1.71 -18.06 -32.30
N LEU A 172 -0.95 -18.47 -31.30
CA LEU A 172 0.46 -18.09 -31.20
C LEU A 172 1.34 -19.05 -31.98
N LYS A 173 2.44 -18.51 -32.51
CA LYS A 173 3.42 -19.32 -33.24
C LYS A 173 4.79 -19.14 -32.61
N GLY A 174 5.53 -20.24 -32.48
CA GLY A 174 6.84 -20.21 -31.88
C GLY A 174 7.80 -19.40 -32.74
N ILE A 175 8.67 -18.64 -32.09
CA ILE A 175 9.69 -17.87 -32.79
C ILE A 175 11.09 -18.25 -32.30
N GLN A 176 12.09 -17.86 -33.09
CA GLN A 176 13.48 -17.97 -32.68
C GLN A 176 13.94 -16.56 -32.37
N TYR A 177 14.14 -16.27 -31.08
CA TYR A 177 14.38 -14.92 -30.63
C TYR A 177 15.76 -14.75 -30.03
N ASP A 178 16.52 -13.80 -30.56
CA ASP A 178 17.79 -13.40 -30.00
C ASP A 178 17.53 -12.23 -29.07
N LEU A 179 17.66 -12.49 -27.77
CA LEU A 179 17.33 -11.52 -26.76
C LEU A 179 18.34 -10.37 -26.75
N PRO A 180 17.89 -9.14 -27.05
CA PRO A 180 18.84 -8.02 -27.08
C PRO A 180 19.52 -7.80 -25.72
N MET A 181 18.75 -7.88 -24.65
CA MET A 181 19.27 -7.69 -23.30
C MET A 181 18.88 -8.85 -22.40
N ALA A 182 19.88 -9.49 -21.79
CA ALA A 182 19.67 -10.63 -20.91
C ALA A 182 18.62 -10.35 -19.83
N SER A 183 17.72 -11.30 -19.63
CA SER A 183 16.68 -11.19 -18.62
C SER A 183 15.96 -12.52 -18.46
N ALA A 184 16.05 -13.07 -17.25
CA ALA A 184 15.34 -14.31 -16.95
C ALA A 184 13.83 -14.09 -17.03
N GLN A 185 13.40 -12.88 -16.69
CA GLN A 185 11.97 -12.56 -16.70
C GLN A 185 11.43 -12.50 -18.11
N VAL A 186 12.12 -11.79 -19.00
CA VAL A 186 11.70 -11.69 -20.39
C VAL A 186 11.83 -13.06 -21.05
N LYS A 187 12.93 -13.75 -20.77
CA LYS A 187 13.13 -15.10 -21.26
C LYS A 187 11.97 -15.99 -20.84
N SER A 188 11.62 -15.92 -19.56
CA SER A 188 10.56 -16.77 -18.99
C SER A 188 9.20 -16.43 -19.59
N GLY A 189 8.96 -15.14 -19.83
CA GLY A 189 7.70 -14.70 -20.41
C GLY A 189 7.50 -15.31 -21.79
N ILE A 190 8.55 -15.28 -22.59
CA ILE A 190 8.48 -15.78 -23.95
C ILE A 190 8.23 -17.30 -23.96
N LEU A 191 8.97 -18.02 -23.13
CA LEU A 191 8.86 -19.47 -23.06
C LEU A 191 7.47 -19.91 -22.60
N LEU A 192 6.90 -19.14 -21.68
CA LEU A 192 5.59 -19.47 -21.14
C LEU A 192 4.49 -19.32 -22.19
N ALA A 193 4.59 -18.29 -23.00
CA ALA A 193 3.68 -18.13 -24.13
C ALA A 193 3.87 -19.28 -25.11
N GLY A 194 5.12 -19.73 -25.25
CA GLY A 194 5.47 -20.79 -26.16
C GLY A 194 4.85 -22.14 -25.79
N LEU A 195 4.33 -22.24 -24.58
CA LEU A 195 3.69 -23.49 -24.12
C LEU A 195 2.40 -23.75 -24.90
N TRP A 196 1.78 -22.67 -25.39
CA TRP A 196 0.52 -22.76 -26.13
C TRP A 196 0.72 -22.49 -27.62
N ALA A 197 1.92 -22.05 -27.98
CA ALA A 197 2.21 -21.66 -29.36
C ALA A 197 2.43 -22.87 -30.26
N GLU A 198 2.30 -22.64 -31.57
CA GLU A 198 2.53 -23.66 -32.57
C GLU A 198 4.01 -23.71 -32.93
N GLY A 199 4.61 -24.87 -32.70
CA GLY A 199 6.01 -25.08 -33.05
C GLY A 199 6.94 -24.83 -31.87
N GLU A 200 8.19 -24.52 -32.20
CA GLU A 200 9.23 -24.34 -31.19
C GLU A 200 9.46 -22.85 -30.91
N THR A 201 9.47 -22.50 -29.64
CA THR A 201 9.85 -21.18 -29.18
C THR A 201 11.26 -21.26 -28.60
N SER A 202 12.12 -20.36 -29.05
CA SER A 202 13.52 -20.39 -28.63
C SER A 202 14.02 -19.01 -28.24
N VAL A 203 14.73 -18.94 -27.13
CA VAL A 203 15.34 -17.70 -26.66
C VAL A 203 16.85 -17.88 -26.54
N THR A 204 17.59 -16.96 -27.14
CA THR A 204 19.04 -16.94 -27.05
C THR A 204 19.47 -15.72 -26.25
N GLU A 205 20.00 -15.96 -25.04
CA GLU A 205 20.39 -14.87 -24.16
C GLU A 205 21.87 -14.53 -24.33
N PRO A 206 22.21 -13.23 -24.45
CA PRO A 206 23.59 -12.83 -24.70
C PRO A 206 24.46 -12.97 -23.46
N GLU A 207 23.83 -13.12 -22.31
CA GLU A 207 24.53 -13.32 -21.05
C GLU A 207 23.74 -14.30 -20.18
N PRO A 208 24.44 -15.14 -19.41
CA PRO A 208 23.75 -16.18 -18.65
C PRO A 208 22.87 -15.63 -17.54
N THR A 209 21.65 -16.15 -17.43
CA THR A 209 20.72 -15.76 -16.38
C THR A 209 20.26 -16.99 -15.59
N ARG A 210 19.50 -16.75 -14.54
CA ARG A 210 18.98 -17.85 -13.71
C ARG A 210 17.98 -18.69 -14.50
N ASP A 211 17.82 -19.95 -14.11
CA ASP A 211 17.00 -20.88 -14.89
C ASP A 211 15.95 -21.60 -14.04
N HIS A 212 15.44 -20.91 -13.02
CA HIS A 212 14.45 -21.49 -12.12
C HIS A 212 13.16 -21.81 -12.86
N THR A 213 12.83 -21.00 -13.87
CA THR A 213 11.67 -21.24 -14.71
C THR A 213 11.83 -22.57 -15.45
N GLU A 214 12.96 -22.71 -16.14
CA GLU A 214 13.23 -23.91 -16.93
C GLU A 214 13.19 -25.17 -16.08
N ARG A 215 13.85 -25.13 -14.93
CA ARG A 215 13.93 -26.28 -14.06
C ARG A 215 12.57 -26.67 -13.50
N MET A 216 11.73 -25.68 -13.21
CA MET A 216 10.41 -25.97 -12.65
C MET A 216 9.53 -26.57 -13.74
N LEU A 217 9.66 -26.07 -14.97
CA LEU A 217 8.95 -26.67 -16.10
C LEU A 217 9.28 -28.14 -16.24
N ARG A 218 10.56 -28.50 -16.09
CA ARG A 218 10.96 -29.89 -16.20
C ARG A 218 10.38 -30.71 -15.04
N ALA A 219 10.36 -30.13 -13.85
CA ALA A 219 9.80 -30.80 -12.68
C ALA A 219 8.32 -31.14 -12.91
N PHE A 220 7.64 -30.30 -13.69
CA PHE A 220 6.23 -30.53 -14.02
C PHE A 220 6.07 -31.33 -15.32
N GLY A 221 7.17 -31.89 -15.81
CA GLY A 221 7.11 -32.85 -16.90
C GLY A 221 7.18 -32.28 -18.30
N TYR A 222 7.51 -31.00 -18.41
CA TYR A 222 7.66 -30.37 -19.73
C TYR A 222 9.11 -30.45 -20.19
N ASP A 223 9.30 -30.79 -21.46
CA ASP A 223 10.64 -30.88 -22.02
C ASP A 223 11.14 -29.50 -22.41
N VAL A 224 12.28 -29.11 -21.83
CA VAL A 224 12.92 -27.84 -22.14
C VAL A 224 14.38 -28.08 -22.48
N LYS A 225 14.77 -27.71 -23.69
CA LYS A 225 16.15 -27.88 -24.13
C LYS A 225 16.99 -26.67 -23.75
N THR A 226 18.06 -26.92 -23.00
CA THR A 226 19.05 -25.91 -22.71
C THR A 226 20.32 -26.31 -23.45
N GLU A 227 20.65 -25.55 -24.49
CA GLU A 227 21.76 -25.85 -25.38
C GLU A 227 22.70 -24.64 -25.46
N GLY A 228 23.59 -24.55 -24.48
CA GLY A 228 24.45 -23.38 -24.37
C GLY A 228 23.60 -22.20 -23.91
N ASN A 229 23.58 -21.15 -24.72
CA ASN A 229 22.80 -19.96 -24.39
C ASN A 229 21.45 -19.96 -25.10
N LYS A 230 21.16 -21.07 -25.78
CA LYS A 230 19.90 -21.24 -26.51
C LYS A 230 18.93 -22.10 -25.71
N ILE A 231 17.84 -21.49 -25.26
CA ILE A 231 16.84 -22.16 -24.42
C ILE A 231 15.52 -22.23 -25.19
N SER A 232 15.01 -23.45 -25.35
CA SER A 232 13.83 -23.64 -26.19
C SER A 232 12.90 -24.76 -25.70
N LEU A 233 11.67 -24.71 -26.18
CA LEU A 233 10.70 -25.77 -25.94
C LEU A 233 9.72 -25.81 -27.10
N VAL A 234 8.89 -26.86 -27.15
CA VAL A 234 7.91 -27.01 -28.19
C VAL A 234 6.53 -26.93 -27.55
N GLY A 235 5.66 -26.10 -28.14
CA GLY A 235 4.35 -25.86 -27.57
C GLY A 235 3.40 -27.02 -27.80
N GLY A 236 2.32 -27.06 -27.04
CA GLY A 236 1.32 -28.10 -27.15
C GLY A 236 1.48 -29.17 -26.09
N GLY A 237 2.58 -29.11 -25.34
CA GLY A 237 2.85 -30.09 -24.31
C GLY A 237 1.90 -29.94 -23.13
N LYS A 238 2.15 -30.69 -22.07
CA LYS A 238 1.26 -30.70 -20.92
C LYS A 238 2.02 -30.76 -19.60
N LEU A 239 1.53 -30.01 -18.61
CA LEU A 239 2.14 -30.01 -17.28
C LEU A 239 1.41 -30.94 -16.32
N VAL A 240 2.18 -31.66 -15.52
CA VAL A 240 1.63 -32.66 -14.61
C VAL A 240 1.93 -32.29 -13.15
N GLY A 241 0.86 -32.18 -12.37
CA GLY A 241 0.99 -31.83 -10.96
C GLY A 241 1.85 -32.84 -10.20
N THR A 242 2.60 -32.33 -9.24
CA THR A 242 3.50 -33.17 -8.46
C THR A 242 3.78 -32.49 -7.12
N ASN A 243 4.64 -33.11 -6.31
CA ASN A 243 5.05 -32.52 -5.05
C ASN A 243 6.33 -31.72 -5.22
N ILE A 244 6.31 -30.47 -4.78
CA ILE A 244 7.43 -29.56 -4.96
C ILE A 244 7.99 -29.13 -3.61
N GLN A 245 9.20 -29.59 -3.32
CA GLN A 245 9.95 -29.12 -2.16
C GLN A 245 10.80 -27.95 -2.61
N VAL A 246 10.47 -26.76 -2.11
CA VAL A 246 11.19 -25.55 -2.47
C VAL A 246 12.53 -25.51 -1.75
N PRO A 247 13.63 -25.31 -2.51
CA PRO A 247 14.94 -25.18 -1.85
C PRO A 247 15.03 -23.90 -1.04
N SER A 248 15.71 -23.94 0.10
CA SER A 248 15.95 -22.75 0.89
C SER A 248 16.82 -21.76 0.11
N ASP A 249 16.58 -20.47 0.32
CA ASP A 249 17.22 -19.42 -0.45
C ASP A 249 18.71 -19.23 -0.12
N ILE A 250 19.57 -19.49 -1.10
CA ILE A 250 21.01 -19.35 -0.90
C ILE A 250 21.38 -17.90 -0.62
N SER A 251 20.59 -16.97 -1.15
CA SER A 251 20.82 -15.55 -0.92
C SER A 251 20.61 -15.21 0.55
N SER A 252 19.72 -15.95 1.21
CA SER A 252 19.48 -15.77 2.63
C SER A 252 20.57 -16.48 3.43
N ALA A 253 20.94 -17.67 2.98
CA ALA A 253 21.98 -18.47 3.63
C ALA A 253 23.33 -17.76 3.64
N ALA A 254 23.56 -16.96 2.61
CA ALA A 254 24.85 -16.30 2.40
C ALA A 254 25.29 -15.45 3.58
N PHE A 255 24.33 -14.81 4.24
CA PHE A 255 24.65 -13.96 5.38
C PHE A 255 25.25 -14.75 6.53
N PHE A 256 24.78 -15.98 6.70
CA PHE A 256 25.25 -16.83 7.78
C PHE A 256 26.54 -17.54 7.40
N MET A 257 26.75 -17.77 6.11
CA MET A 257 28.04 -18.23 5.62
C MET A 257 29.11 -17.22 6.00
N VAL A 258 28.84 -15.96 5.68
CA VAL A 258 29.75 -14.86 5.98
C VAL A 258 29.95 -14.73 7.49
N GLY A 259 28.86 -14.78 8.24
CA GLY A 259 28.91 -14.65 9.68
C GLY A 259 29.79 -15.69 10.32
N ALA A 260 29.69 -16.93 9.82
CA ALA A 260 30.48 -18.02 10.34
C ALA A 260 31.95 -17.86 9.97
N ALA A 261 32.19 -17.32 8.79
CA ALA A 261 33.56 -17.21 8.27
C ALA A 261 34.35 -16.09 8.94
N ILE A 262 33.67 -15.13 9.56
CA ILE A 262 34.35 -14.01 10.21
C ILE A 262 34.35 -14.11 11.73
N THR A 263 33.70 -15.13 12.27
CA THR A 263 33.59 -15.29 13.73
C THR A 263 34.48 -16.43 14.23
N GLU A 264 35.30 -16.13 15.22
CA GLU A 264 36.26 -17.11 15.76
C GLU A 264 35.56 -18.35 16.30
N GLY A 265 36.01 -19.50 15.83
CA GLY A 265 35.51 -20.77 16.33
C GLY A 265 34.08 -21.06 15.94
N ALA A 266 33.54 -20.30 15.00
CA ALA A 266 32.17 -20.50 14.57
C ALA A 266 32.00 -21.88 13.96
N ASP A 267 30.81 -22.46 14.09
CA ASP A 267 30.52 -23.76 13.54
C ASP A 267 29.04 -23.80 13.14
N VAL A 268 28.78 -23.58 11.86
CA VAL A 268 27.41 -23.48 11.36
C VAL A 268 27.16 -24.48 10.25
N VAL A 269 26.04 -25.18 10.36
CA VAL A 269 25.54 -26.04 9.31
C VAL A 269 24.23 -25.48 8.82
N LEU A 270 24.20 -25.12 7.54
CA LEU A 270 23.00 -24.64 6.87
C LEU A 270 22.43 -25.78 6.03
N GLU A 271 21.27 -26.28 6.42
CA GLU A 271 20.70 -27.47 5.79
C GLU A 271 19.87 -27.15 4.54
N ALA A 272 19.93 -28.07 3.58
CA ALA A 272 19.09 -28.00 2.39
C ALA A 272 19.19 -26.65 1.67
N VAL A 273 20.40 -26.12 1.56
CA VAL A 273 20.62 -24.86 0.84
C VAL A 273 20.60 -25.13 -0.66
N GLY A 274 19.81 -24.36 -1.39
CA GLY A 274 19.79 -24.46 -2.84
C GLY A 274 21.14 -24.09 -3.42
N ILE A 275 21.65 -24.95 -4.29
CA ILE A 275 22.94 -24.71 -4.93
C ILE A 275 22.82 -24.77 -6.45
N ASN A 276 21.76 -24.15 -6.98
CA ASN A 276 21.61 -23.98 -8.41
C ASN A 276 22.87 -23.27 -8.95
N PRO A 277 23.54 -23.86 -9.97
CA PRO A 277 24.83 -23.31 -10.41
C PRO A 277 24.77 -21.85 -10.86
N THR A 278 23.57 -21.33 -11.11
CA THR A 278 23.39 -19.93 -11.46
C THR A 278 23.28 -19.03 -10.23
N ARG A 279 23.47 -19.62 -9.04
CA ARG A 279 23.24 -18.93 -7.77
C ARG A 279 24.36 -19.10 -6.75
N THR A 280 25.37 -19.91 -7.08
CA THR A 280 26.33 -20.38 -6.09
C THR A 280 27.62 -19.56 -6.05
N GLY A 281 27.58 -18.35 -6.57
CA GLY A 281 28.79 -17.55 -6.64
C GLY A 281 29.40 -17.24 -5.28
N VAL A 282 28.56 -17.07 -4.26
CA VAL A 282 29.06 -16.72 -2.94
C VAL A 282 29.94 -17.85 -2.37
N ILE A 283 29.57 -19.09 -2.68
CA ILE A 283 30.33 -20.26 -2.22
C ILE A 283 31.72 -20.27 -2.82
N GLU A 284 31.80 -20.11 -4.14
CA GLU A 284 33.07 -20.14 -4.85
C GLU A 284 33.96 -19.00 -4.38
N ILE A 285 33.37 -17.82 -4.21
CA ILE A 285 34.11 -16.64 -3.80
C ILE A 285 34.66 -16.79 -2.38
N LEU A 286 33.81 -17.23 -1.46
CA LEU A 286 34.25 -17.44 -0.08
C LEU A 286 35.36 -18.50 -0.03
N LYS A 287 35.19 -19.56 -0.82
CA LYS A 287 36.20 -20.62 -0.92
C LYS A 287 37.54 -20.06 -1.40
N GLN A 288 37.49 -19.14 -2.36
CA GLN A 288 38.72 -18.53 -2.88
C GLN A 288 39.33 -17.57 -1.88
N MET A 289 38.51 -17.07 -0.96
CA MET A 289 39.01 -16.22 0.13
C MET A 289 39.54 -17.07 1.28
N GLY A 290 39.62 -18.38 1.06
CA GLY A 290 40.21 -19.28 2.05
C GLY A 290 39.25 -19.71 3.13
N ALA A 291 37.96 -19.55 2.89
CA ALA A 291 36.96 -19.94 3.88
C ALA A 291 36.95 -21.45 4.11
N ASP A 292 36.72 -21.84 5.36
CA ASP A 292 36.52 -23.25 5.70
C ASP A 292 35.05 -23.58 5.49
N LEU A 293 34.73 -23.93 4.25
CA LEU A 293 33.35 -24.11 3.80
C LEU A 293 33.24 -25.34 2.90
N THR A 294 32.44 -26.30 3.34
CA THR A 294 32.27 -27.55 2.60
C THR A 294 30.82 -27.70 2.11
N VAL A 295 30.65 -28.39 0.99
CA VAL A 295 29.33 -28.68 0.43
C VAL A 295 29.09 -30.18 0.42
N GLU A 296 28.25 -30.66 1.34
CA GLU A 296 28.01 -32.10 1.50
C GLU A 296 26.54 -32.45 1.32
N ASN A 297 26.26 -33.76 1.24
CA ASN A 297 24.90 -34.27 1.18
C ASN A 297 24.13 -33.61 0.03
N GLU A 298 24.73 -33.64 -1.15
CA GLU A 298 24.12 -33.04 -2.33
C GLU A 298 23.01 -33.90 -2.90
N ARG A 299 21.82 -33.33 -3.07
CA ARG A 299 20.73 -34.04 -3.73
C ARG A 299 19.79 -33.06 -4.44
N ILE A 300 18.75 -33.60 -5.08
CA ILE A 300 17.80 -32.79 -5.84
C ILE A 300 16.41 -32.89 -5.24
N ALA A 301 15.71 -31.75 -5.19
CA ALA A 301 14.33 -31.68 -4.72
C ALA A 301 13.52 -30.69 -5.52
N GLY A 302 12.43 -31.15 -6.14
CA GLY A 302 11.61 -30.31 -7.00
C GLY A 302 12.38 -29.73 -8.16
N GLY A 303 13.23 -30.55 -8.78
CA GLY A 303 14.01 -30.16 -9.93
C GLY A 303 15.14 -29.18 -9.63
N GLU A 304 15.35 -28.93 -8.33
CA GLU A 304 16.39 -27.99 -7.88
C GLU A 304 17.43 -28.74 -7.05
N PRO A 305 18.72 -28.47 -7.30
CA PRO A 305 19.76 -29.10 -6.47
C PRO A 305 19.92 -28.42 -5.11
N ILE A 306 20.09 -29.22 -4.06
CA ILE A 306 20.27 -28.71 -2.71
C ILE A 306 21.44 -29.41 -2.02
N ALA A 307 21.98 -28.78 -0.98
CA ALA A 307 23.08 -29.34 -0.21
C ALA A 307 23.18 -28.73 1.18
N ASP A 308 23.89 -29.39 2.08
CA ASP A 308 24.17 -28.83 3.39
C ASP A 308 25.50 -28.09 3.36
N ILE A 309 25.48 -26.84 3.81
CA ILE A 309 26.68 -26.02 3.83
C ILE A 309 27.24 -25.93 5.24
N HIS A 310 28.47 -26.40 5.41
CA HIS A 310 29.12 -26.42 6.72
C HIS A 310 30.26 -25.40 6.74
N ILE A 311 30.09 -24.35 7.52
CA ILE A 311 31.08 -23.26 7.58
C ILE A 311 31.69 -23.17 8.97
N LYS A 312 33.00 -23.09 9.01
CA LYS A 312 33.72 -23.00 10.28
C LYS A 312 34.68 -21.81 10.30
N GLY A 313 34.74 -21.13 11.44
CA GLY A 313 35.66 -20.02 11.64
C GLY A 313 37.00 -20.52 12.14
N SER A 314 37.62 -21.38 11.36
CA SER A 314 38.86 -22.05 11.76
C SER A 314 40.10 -21.28 11.32
N ARG A 315 39.92 -20.31 10.42
CA ARG A 315 41.04 -19.54 9.92
C ARG A 315 40.59 -18.19 9.37
N THR A 316 41.55 -17.31 9.15
CA THR A 316 41.28 -15.95 8.71
C THR A 316 41.13 -15.87 7.20
N LEU A 317 40.03 -15.27 6.74
CA LEU A 317 39.85 -15.00 5.32
C LEU A 317 40.97 -14.08 4.81
N LYS A 318 41.17 -14.09 3.50
CA LYS A 318 42.13 -13.17 2.89
C LYS A 318 41.55 -12.55 1.63
N GLY A 319 41.93 -11.30 1.37
CA GLY A 319 41.40 -10.55 0.25
C GLY A 319 41.90 -11.05 -1.09
N ILE A 320 41.00 -11.03 -2.08
CA ILE A 320 41.32 -11.51 -3.42
C ILE A 320 40.76 -10.59 -4.48
N HIS A 321 41.28 -10.73 -5.70
CA HIS A 321 40.62 -10.20 -6.87
C HIS A 321 39.47 -11.14 -7.19
N MET A 322 38.25 -10.72 -6.86
CA MET A 322 37.10 -11.60 -6.97
C MET A 322 36.92 -12.07 -8.40
N PRO A 323 36.68 -13.38 -8.60
CA PRO A 323 36.57 -13.94 -9.96
C PRO A 323 35.38 -13.38 -10.71
N GLU A 324 35.62 -12.86 -11.91
CA GLU A 324 34.58 -12.17 -12.66
C GLU A 324 33.53 -13.14 -13.19
N ASP A 325 33.90 -14.41 -13.33
CA ASP A 325 32.97 -15.41 -13.84
C ASP A 325 31.95 -15.82 -12.77
N GLN A 326 32.18 -15.38 -11.54
CA GLN A 326 31.25 -15.67 -10.42
C GLN A 326 30.34 -14.48 -10.10
N VAL A 327 30.61 -13.32 -10.69
CA VAL A 327 29.86 -12.11 -10.39
C VAL A 327 28.38 -12.23 -10.76
N PRO A 328 28.08 -12.74 -11.97
CA PRO A 328 26.65 -12.92 -12.28
C PRO A 328 25.97 -13.91 -11.33
N LEU A 329 26.77 -14.81 -10.76
CA LEU A 329 26.25 -15.87 -9.91
C LEU A 329 26.17 -15.47 -8.43
N ALA A 330 26.68 -14.28 -8.10
CA ALA A 330 26.69 -13.80 -6.72
C ALA A 330 26.26 -12.34 -6.60
N ILE A 331 25.49 -11.86 -7.57
CA ILE A 331 25.22 -10.43 -7.69
C ILE A 331 24.55 -9.84 -6.45
N ASP A 332 23.63 -10.59 -5.84
CA ASP A 332 22.91 -10.11 -4.67
C ASP A 332 23.66 -10.37 -3.37
N GLU A 333 24.74 -11.14 -3.45
CA GLU A 333 25.48 -11.56 -2.25
C GLU A 333 26.73 -10.73 -2.00
N PHE A 334 26.97 -9.72 -2.83
CA PHE A 334 28.18 -8.92 -2.68
C PHE A 334 28.14 -7.98 -1.46
N PRO A 335 26.96 -7.43 -1.13
CA PRO A 335 26.88 -6.67 0.13
C PRO A 335 27.36 -7.49 1.33
N ALA A 336 26.99 -8.76 1.37
CA ALA A 336 27.44 -9.65 2.44
C ALA A 336 28.92 -9.94 2.31
N LEU A 337 29.39 -10.09 1.08
CA LEU A 337 30.78 -10.43 0.82
C LEU A 337 31.70 -9.26 1.16
N PHE A 338 31.17 -8.04 1.11
CA PHE A 338 31.95 -6.87 1.47
C PHE A 338 32.29 -6.89 2.96
N ILE A 339 31.37 -7.42 3.77
CA ILE A 339 31.62 -7.59 5.19
C ILE A 339 32.76 -8.59 5.40
N ALA A 340 32.76 -9.65 4.61
CA ALA A 340 33.82 -10.65 4.68
C ALA A 340 35.15 -10.04 4.26
N ALA A 341 35.11 -9.22 3.21
CA ALA A 341 36.32 -8.58 2.69
C ALA A 341 36.96 -7.66 3.72
N ALA A 342 36.13 -7.02 4.53
CA ALA A 342 36.62 -6.10 5.54
C ALA A 342 37.32 -6.84 6.67
N CYS A 343 36.83 -8.03 6.99
CA CYS A 343 37.43 -8.87 8.02
C CYS A 343 38.59 -9.69 7.48
N ALA A 344 38.78 -9.64 6.17
CA ALA A 344 39.82 -10.43 5.51
C ALA A 344 41.19 -9.77 5.65
N GLU A 345 42.23 -10.56 5.43
CA GLU A 345 43.59 -10.07 5.43
C GLU A 345 43.99 -9.60 4.03
N GLY A 346 44.38 -8.35 3.92
CA GLY A 346 44.82 -7.79 2.66
C GLY A 346 43.70 -7.12 1.87
N GLN A 347 44.02 -6.73 0.65
CA GLN A 347 43.10 -5.97 -0.19
C GLN A 347 42.17 -6.88 -1.00
N THR A 348 40.91 -6.44 -1.12
CA THR A 348 39.93 -7.11 -1.97
C THR A 348 39.51 -6.16 -3.09
N VAL A 349 39.44 -6.68 -4.31
CA VAL A 349 39.03 -5.89 -5.47
C VAL A 349 37.93 -6.60 -6.25
N LEU A 350 36.89 -5.84 -6.57
CA LEU A 350 35.78 -6.32 -7.37
C LEU A 350 35.72 -5.54 -8.68
N THR A 351 35.57 -6.26 -9.78
CA THR A 351 35.51 -5.66 -11.11
C THR A 351 34.39 -6.32 -11.91
N GLY A 352 33.96 -5.64 -12.97
CA GLY A 352 32.93 -6.15 -13.85
C GLY A 352 31.59 -6.26 -13.15
N ALA A 353 31.36 -5.37 -12.19
CA ALA A 353 30.13 -5.37 -11.41
C ALA A 353 29.44 -4.01 -11.56
N ALA A 354 29.56 -3.43 -12.74
CA ALA A 354 28.95 -2.15 -13.04
C ALA A 354 27.45 -2.23 -12.84
N GLU A 355 26.90 -3.42 -13.10
CA GLU A 355 25.49 -3.67 -12.86
C GLU A 355 25.14 -3.40 -11.42
N LEU A 356 26.08 -3.64 -10.52
CA LEU A 356 25.82 -3.49 -9.10
C LEU A 356 25.66 -2.03 -8.70
N ARG A 357 26.22 -1.11 -9.49
CA ARG A 357 26.02 0.30 -9.21
C ARG A 357 24.70 0.76 -9.81
N VAL A 358 24.05 1.67 -9.09
CA VAL A 358 22.79 2.33 -9.47
C VAL A 358 21.83 1.41 -10.25
N LYS A 359 21.65 0.16 -9.82
CA LYS A 359 20.64 -0.66 -10.47
C LYS A 359 19.34 -0.28 -9.77
N GLU A 360 18.92 0.95 -9.98
CA GLU A 360 17.79 1.56 -9.28
C GLU A 360 18.02 1.42 -7.77
N SER A 361 19.27 1.62 -7.37
CA SER A 361 19.77 1.48 -5.99
C SER A 361 21.24 1.09 -6.06
N ASP A 362 22.12 2.02 -5.68
CA ASP A 362 23.55 1.80 -5.73
C ASP A 362 24.10 1.13 -4.46
N ARG A 363 24.12 -0.20 -4.46
CA ARG A 363 24.54 -0.97 -3.29
C ARG A 363 26.02 -0.80 -2.97
N ILE A 364 26.83 -0.54 -4.00
CA ILE A 364 28.26 -0.30 -3.78
C ILE A 364 28.45 0.92 -2.88
N GLN A 365 27.72 1.98 -3.17
CA GLN A 365 27.89 3.24 -2.45
C GLN A 365 27.27 3.20 -1.06
N VAL A 366 26.10 2.58 -0.95
CA VAL A 366 25.41 2.48 0.33
C VAL A 366 26.25 1.64 1.30
N MET A 367 26.81 0.54 0.80
CA MET A 367 27.72 -0.28 1.61
C MET A 367 28.98 0.50 1.94
N ALA A 368 29.51 1.22 0.96
CA ALA A 368 30.71 2.01 1.17
C ALA A 368 30.50 3.05 2.27
N ASP A 369 29.36 3.72 2.24
CA ASP A 369 29.04 4.73 3.25
C ASP A 369 29.06 4.11 4.64
N GLY A 370 28.35 2.98 4.79
CA GLY A 370 28.28 2.29 6.06
C GLY A 370 29.62 1.74 6.51
N LEU A 371 30.37 1.15 5.58
CA LEU A 371 31.68 0.60 5.90
C LEU A 371 32.63 1.68 6.38
N LYS A 372 32.61 2.84 5.71
CA LYS A 372 33.47 3.95 6.08
C LYS A 372 33.11 4.48 7.47
N ILE A 373 31.82 4.49 7.77
CA ILE A 373 31.35 4.93 9.09
C ILE A 373 31.92 4.00 10.15
N MET A 374 32.06 2.72 9.80
CA MET A 374 32.56 1.72 10.73
C MET A 374 34.08 1.63 10.70
N GLY A 375 34.72 2.54 9.96
CA GLY A 375 36.16 2.69 10.00
C GLY A 375 36.90 1.84 8.98
N ILE A 376 36.22 1.43 7.92
CA ILE A 376 36.84 0.63 6.87
C ILE A 376 37.21 1.50 5.67
N ASP A 377 38.50 1.49 5.33
CA ASP A 377 38.98 2.13 4.12
C ASP A 377 38.53 1.34 2.90
N CYS A 378 37.60 1.89 2.13
CA CYS A 378 37.20 1.30 0.87
C CYS A 378 37.01 2.42 -0.16
N THR A 379 36.83 2.04 -1.42
CA THR A 379 36.74 3.01 -2.51
C THR A 379 35.88 2.48 -3.66
N PRO A 380 34.68 3.04 -3.83
CA PRO A 380 33.85 2.64 -4.96
C PRO A 380 34.54 2.89 -6.31
N THR A 381 34.39 1.93 -7.22
CA THR A 381 34.89 2.09 -8.58
C THR A 381 33.72 2.01 -9.54
N GLU A 382 34.00 2.12 -10.83
CA GLU A 382 32.94 2.19 -11.83
C GLU A 382 32.32 0.82 -12.08
N ASP A 383 33.09 -0.23 -11.85
CA ASP A 383 32.63 -1.60 -12.04
C ASP A 383 32.78 -2.44 -10.78
N GLY A 384 32.83 -1.79 -9.63
CA GLY A 384 32.94 -2.51 -8.38
C GLY A 384 33.41 -1.67 -7.20
N ILE A 385 34.43 -2.16 -6.50
CA ILE A 385 34.90 -1.52 -5.29
C ILE A 385 36.25 -2.10 -4.88
N ILE A 386 37.01 -1.31 -4.12
CA ILE A 386 38.25 -1.78 -3.51
C ILE A 386 38.07 -1.69 -2.00
N ILE A 387 38.40 -2.77 -1.30
CA ILE A 387 38.27 -2.83 0.15
C ILE A 387 39.60 -3.20 0.78
N GLU A 388 40.04 -2.37 1.72
CA GLU A 388 41.23 -2.65 2.51
C GLU A 388 40.81 -3.43 3.74
N GLY A 389 41.04 -4.73 3.71
CA GLY A 389 40.71 -5.59 4.84
C GLY A 389 41.59 -5.27 6.03
N LYS A 390 41.00 -5.35 7.22
CA LYS A 390 41.73 -5.12 8.47
C LYS A 390 42.12 -6.42 9.16
N GLY A 391 41.81 -7.55 8.51
CA GLY A 391 42.10 -8.84 9.08
C GLY A 391 43.57 -9.12 9.27
N LYS A 392 43.88 -9.97 10.22
CA LYS A 392 45.23 -10.45 10.45
C LYS A 392 45.15 -11.93 10.77
N SER A 393 46.01 -12.73 10.13
CA SER A 393 45.98 -14.18 10.30
C SER A 393 46.12 -14.55 11.78
N GLY A 394 45.16 -15.30 12.29
CA GLY A 394 45.19 -15.74 13.68
C GLY A 394 44.62 -14.74 14.67
N ASP A 395 44.34 -13.53 14.19
CA ASP A 395 43.81 -12.46 15.02
C ASP A 395 42.30 -12.33 14.82
N TRP A 396 41.55 -12.31 15.91
CA TRP A 396 40.10 -12.19 15.85
C TRP A 396 39.62 -11.04 16.73
N SER A 397 40.42 -9.97 16.79
CA SER A 397 40.04 -8.77 17.50
C SER A 397 39.04 -8.02 16.62
N PRO A 398 38.32 -7.05 17.19
CA PRO A 398 37.28 -6.34 16.42
C PRO A 398 37.79 -5.69 15.13
N ILE A 399 36.96 -5.78 14.09
CA ILE A 399 37.26 -5.20 12.78
C ILE A 399 36.56 -3.86 12.61
N PHE A 400 35.31 -3.80 13.05
CA PHE A 400 34.46 -2.62 12.87
C PHE A 400 34.38 -1.76 14.12
N ALA A 401 34.17 -0.46 13.92
CA ALA A 401 34.10 0.48 15.04
C ALA A 401 32.67 0.71 15.50
N GLY A 402 31.69 0.28 14.70
CA GLY A 402 30.30 0.50 15.00
C GLY A 402 29.83 1.84 14.46
N GLY A 403 28.68 2.31 14.97
CA GLY A 403 28.12 3.59 14.55
C GLY A 403 26.69 3.45 14.06
N GLU A 404 26.14 4.55 13.54
CA GLU A 404 24.78 4.54 13.00
C GLU A 404 24.84 4.34 11.49
N ILE A 405 24.06 3.38 11.00
CA ILE A 405 24.09 2.98 9.60
C ILE A 405 22.75 3.21 8.90
N GLU A 406 22.82 3.71 7.66
CA GLU A 406 21.64 3.86 6.81
C GLU A 406 21.56 2.73 5.79
N SER A 407 20.45 2.00 5.81
CA SER A 407 20.27 0.88 4.89
C SER A 407 19.46 1.33 3.67
N HIS A 408 18.83 2.49 3.77
CA HIS A 408 17.94 2.99 2.73
C HIS A 408 16.86 1.96 2.39
N HIS A 409 16.42 1.24 3.41
CA HIS A 409 15.34 0.27 3.29
C HIS A 409 15.70 -0.87 2.35
N ASP A 410 17.00 -1.07 2.15
CA ASP A 410 17.51 -2.21 1.39
C ASP A 410 17.84 -3.32 2.37
N HIS A 411 17.04 -4.39 2.35
CA HIS A 411 17.17 -5.46 3.32
C HIS A 411 18.55 -6.12 3.29
N ARG A 412 19.15 -6.22 2.10
CA ARG A 412 20.47 -6.86 1.98
C ARG A 412 21.56 -6.00 2.61
N ILE A 413 21.39 -4.68 2.58
CA ILE A 413 22.31 -3.79 3.27
C ILE A 413 22.18 -3.98 4.77
N ALA A 414 20.94 -3.98 5.26
CA ALA A 414 20.67 -4.10 6.67
C ALA A 414 21.20 -5.42 7.24
N MET A 415 20.87 -6.52 6.57
CA MET A 415 21.32 -7.83 7.01
C MET A 415 22.82 -7.96 6.95
N SER A 416 23.45 -7.32 5.96
CA SER A 416 24.89 -7.36 5.84
C SER A 416 25.55 -6.70 7.04
N PHE A 417 25.14 -5.48 7.35
CA PHE A 417 25.72 -4.75 8.47
C PHE A 417 25.32 -5.36 9.81
N SER A 418 24.28 -6.20 9.82
CA SER A 418 23.93 -6.93 11.02
C SER A 418 25.03 -7.94 11.34
N MET A 419 25.59 -8.55 10.29
CA MET A 419 26.66 -9.53 10.47
C MET A 419 27.92 -8.86 11.00
N ALA A 420 28.08 -7.57 10.71
CA ALA A 420 29.24 -6.82 11.16
C ALA A 420 29.31 -6.75 12.68
N GLY A 421 28.16 -6.93 13.34
CA GLY A 421 28.09 -6.91 14.78
C GLY A 421 28.84 -8.06 15.44
N LEU A 422 29.27 -9.02 14.62
CA LEU A 422 30.05 -10.15 15.11
C LEU A 422 31.50 -9.78 15.39
N ARG A 423 31.93 -8.64 14.84
CA ARG A 423 33.32 -8.21 14.96
C ARG A 423 33.42 -6.70 15.16
N THR A 424 32.59 -6.16 16.04
CA THR A 424 32.55 -4.72 16.27
C THR A 424 33.00 -4.37 17.69
N SER A 425 33.70 -3.25 17.81
CA SER A 425 34.17 -2.77 19.11
C SER A 425 33.18 -1.78 19.72
N GLY A 426 32.20 -1.37 18.93
CA GLY A 426 31.19 -0.42 19.37
C GLY A 426 29.78 -0.77 18.93
N PRO A 427 28.77 -0.12 19.53
CA PRO A 427 27.36 -0.34 19.17
C PRO A 427 27.06 -0.07 17.71
N ILE A 428 26.16 -0.87 17.13
CA ILE A 428 25.69 -0.66 15.77
C ILE A 428 24.20 -0.39 15.78
N THR A 429 23.78 0.69 15.13
CA THR A 429 22.37 0.98 14.92
C THR A 429 22.11 1.11 13.42
N ILE A 430 21.28 0.21 12.90
CA ILE A 430 20.94 0.19 11.48
C ILE A 430 19.51 0.70 11.27
N HIS A 431 19.36 1.74 10.47
CA HIS A 431 18.06 2.35 10.22
C HIS A 431 17.36 1.77 8.99
N GLY A 432 16.02 1.74 9.03
CA GLY A 432 15.23 1.31 7.89
C GLY A 432 15.33 -0.17 7.62
N THR A 433 15.07 -0.99 8.64
CA THR A 433 15.26 -2.44 8.55
C THR A 433 13.94 -3.21 8.43
N GLU A 434 12.84 -2.51 8.23
CA GLU A 434 11.52 -3.15 8.26
C GLU A 434 11.27 -4.10 7.09
N THR A 435 12.05 -3.97 6.02
CA THR A 435 11.87 -4.84 4.85
C THR A 435 12.64 -6.15 5.02
N VAL A 436 13.46 -6.25 6.06
CA VAL A 436 14.21 -7.48 6.33
C VAL A 436 13.26 -8.64 6.62
N ALA A 437 12.25 -8.38 7.44
CA ALA A 437 11.32 -9.43 7.83
C ALA A 437 10.50 -9.93 6.65
N THR A 438 10.30 -9.08 5.65
CA THR A 438 9.53 -9.45 4.47
C THR A 438 10.35 -10.38 3.59
N SER A 439 11.64 -10.08 3.48
CA SER A 439 12.56 -10.85 2.65
C SER A 439 13.08 -12.09 3.36
N PHE A 440 13.44 -11.93 4.63
CA PHE A 440 14.06 -12.98 5.43
C PHE A 440 13.38 -13.01 6.80
N PRO A 441 12.17 -13.60 6.87
CA PRO A 441 11.34 -13.55 8.08
C PRO A 441 12.03 -14.02 9.36
N THR A 442 12.88 -15.04 9.25
CA THR A 442 13.51 -15.64 10.42
C THR A 442 14.94 -15.14 10.64
N PHE A 443 15.32 -14.06 9.95
CA PHE A 443 16.69 -13.56 10.04
C PHE A 443 17.14 -13.28 11.47
N THR A 444 16.39 -12.45 12.19
CA THR A 444 16.77 -12.07 13.54
C THR A 444 16.64 -13.26 14.50
N GLU A 445 15.67 -14.13 14.24
CA GLU A 445 15.51 -15.35 15.04
C GLU A 445 16.73 -16.24 14.88
N LEU A 446 17.16 -16.47 13.64
CA LEU A 446 18.31 -17.33 13.38
C LEU A 446 19.56 -16.66 13.94
N ALA A 447 19.64 -15.34 13.80
CA ALA A 447 20.77 -14.60 14.34
C ALA A 447 20.88 -14.85 15.84
N ASN A 448 19.76 -14.71 16.55
CA ASN A 448 19.76 -14.92 17.99
C ASN A 448 20.11 -16.36 18.39
N ARG A 449 19.55 -17.32 17.67
CA ARG A 449 19.82 -18.73 17.95
C ARG A 449 21.29 -19.07 17.71
N ALA A 450 21.90 -18.37 16.76
CA ALA A 450 23.30 -18.61 16.44
C ALA A 450 24.22 -18.02 17.51
N GLY A 451 23.80 -16.90 18.11
CA GLY A 451 24.60 -16.23 19.12
C GLY A 451 24.80 -14.74 18.80
N LEU A 452 24.13 -14.28 17.76
CA LEU A 452 24.17 -12.87 17.36
C LEU A 452 22.87 -12.20 17.75
N THR A 453 22.87 -11.56 18.92
CA THR A 453 21.67 -10.90 19.42
C THR A 453 21.43 -9.59 18.69
N ILE A 454 20.23 -9.44 18.17
CA ILE A 454 19.81 -8.24 17.47
C ILE A 454 18.50 -7.77 18.06
N GLU A 455 18.47 -6.52 18.52
CA GLU A 455 17.26 -5.94 19.09
C GLU A 455 16.56 -5.07 18.06
N VAL A 456 15.30 -5.41 17.80
CA VAL A 456 14.47 -4.67 16.86
C VAL A 456 13.68 -3.61 17.63
N SER A 457 13.61 -2.40 17.09
CA SER A 457 12.92 -1.31 17.77
C SER A 457 12.12 -0.41 16.85
N GLN A 458 11.14 0.25 17.46
CA GLN A 458 10.24 1.25 16.85
C GLN A 458 10.48 1.52 15.36
N THR B 14 -3.80 -5.50 13.23
CA THR B 14 -4.71 -5.47 14.36
C THR B 14 -4.32 -4.37 15.35
N GLN B 15 -5.32 -3.68 15.91
CA GLN B 15 -5.06 -2.67 16.93
C GLN B 15 -6.25 -2.55 17.87
N GLN B 16 -6.00 -2.16 19.13
CA GLN B 16 -7.08 -1.97 20.09
C GLN B 16 -6.84 -0.79 21.03
N PHE B 17 -7.93 -0.15 21.46
CA PHE B 17 -7.89 0.95 22.43
C PHE B 17 -8.22 0.46 23.84
N SER B 18 -7.50 0.97 24.82
CA SER B 18 -7.77 0.66 26.22
C SER B 18 -8.03 1.94 27.02
N ILE B 19 -9.08 1.92 27.85
CA ILE B 19 -9.45 3.08 28.65
C ILE B 19 -9.83 2.64 30.07
N LEU B 20 -9.35 3.38 31.06
CA LEU B 20 -9.59 3.05 32.46
C LEU B 20 -10.70 3.91 33.05
N PRO B 21 -11.47 3.35 33.99
CA PRO B 21 -12.60 4.08 34.58
C PRO B 21 -12.16 5.14 35.58
N GLY B 22 -13.11 5.93 36.06
CA GLY B 22 -12.84 6.97 37.04
C GLY B 22 -13.33 8.31 36.55
N ASN B 23 -13.52 9.24 37.48
CA ASN B 23 -13.95 10.59 37.13
C ASN B 23 -12.89 11.29 36.28
N LYS B 24 -13.27 11.58 35.04
CA LYS B 24 -12.39 12.27 34.10
C LYS B 24 -12.78 13.72 34.01
N ALA B 25 -11.81 14.57 33.71
CA ALA B 25 -12.09 15.93 33.27
C ALA B 25 -12.11 15.95 31.75
N PHE B 26 -12.78 16.95 31.18
CA PHE B 26 -12.83 17.11 29.73
C PHE B 26 -12.89 18.60 29.41
N LYS B 27 -11.72 19.16 29.16
CA LYS B 27 -11.57 20.60 29.02
C LYS B 27 -10.46 20.92 28.04
N GLY B 28 -10.60 22.06 27.38
CA GLY B 28 -9.55 22.56 26.52
C GLY B 28 -10.09 23.23 25.27
N LYS B 29 -9.18 23.78 24.49
CA LYS B 29 -9.49 24.41 23.23
C LYS B 29 -8.82 23.61 22.12
N PHE B 30 -9.62 23.10 21.18
CA PHE B 30 -9.11 22.16 20.19
C PHE B 30 -9.50 22.54 18.77
N THR B 31 -8.63 22.16 17.84
CA THR B 31 -8.90 22.31 16.43
C THR B 31 -8.68 20.95 15.80
N VAL B 32 -9.77 20.29 15.46
CA VAL B 32 -9.71 18.94 14.90
C VAL B 32 -9.25 19.04 13.45
N PRO B 33 -8.82 17.92 12.86
CA PRO B 33 -8.27 17.95 11.50
C PRO B 33 -9.26 18.48 10.46
N GLY B 34 -8.72 18.91 9.32
CA GLY B 34 -9.50 19.54 8.28
C GLY B 34 -10.53 18.61 7.65
N ASP B 35 -11.62 19.21 7.17
CA ASP B 35 -12.65 18.49 6.44
C ASP B 35 -12.03 17.73 5.25
N LYS B 36 -12.40 16.47 5.12
CA LYS B 36 -11.84 15.59 4.09
C LYS B 36 -12.09 16.13 2.68
N SER B 37 -13.35 16.46 2.39
CA SER B 37 -13.71 16.90 1.05
C SER B 37 -13.12 18.27 0.70
N VAL B 38 -13.30 19.25 1.59
CA VAL B 38 -12.86 20.62 1.31
C VAL B 38 -11.36 20.67 1.08
N SER B 39 -10.62 19.89 1.85
CA SER B 39 -9.17 19.79 1.69
C SER B 39 -8.80 19.26 0.30
N HIS B 40 -9.54 18.25 -0.15
CA HIS B 40 -9.29 17.66 -1.46
C HIS B 40 -9.61 18.63 -2.60
N ARG B 41 -10.75 19.30 -2.51
CA ARG B 41 -11.20 20.22 -3.56
C ARG B 41 -10.22 21.38 -3.74
N SER B 42 -9.56 21.79 -2.66
CA SER B 42 -8.63 22.91 -2.70
C SER B 42 -7.47 22.61 -3.65
N ILE B 43 -7.10 21.33 -3.75
CA ILE B 43 -6.05 20.90 -4.66
C ILE B 43 -6.56 20.93 -6.10
N MET B 44 -7.73 20.34 -6.31
CA MET B 44 -8.34 20.27 -7.64
C MET B 44 -8.38 21.63 -8.34
N PHE B 45 -8.80 22.65 -7.60
CA PHE B 45 -9.08 23.96 -8.19
C PHE B 45 -7.90 24.92 -8.06
N GLY B 46 -7.13 24.79 -6.99
CA GLY B 46 -5.93 25.57 -6.83
C GLY B 46 -4.93 25.29 -7.93
N ALA B 47 -4.92 24.04 -8.39
CA ALA B 47 -3.99 23.59 -9.42
C ALA B 47 -4.22 24.27 -10.77
N ILE B 48 -5.49 24.46 -11.14
CA ILE B 48 -5.84 25.02 -12.44
C ILE B 48 -6.30 26.47 -12.37
N ALA B 49 -6.07 27.11 -11.22
CA ALA B 49 -6.44 28.51 -11.04
C ALA B 49 -5.30 29.42 -11.46
N GLU B 50 -5.61 30.70 -11.70
CA GLU B 50 -4.59 31.70 -12.00
CA GLU B 50 -4.59 31.70 -12.00
C GLU B 50 -3.91 32.18 -10.73
N GLY B 51 -2.59 32.09 -10.69
CA GLY B 51 -1.82 32.56 -9.55
C GLY B 51 -1.67 31.51 -8.45
N THR B 52 -1.16 31.96 -7.31
CA THR B 52 -0.85 31.08 -6.20
C THR B 52 -2.06 30.87 -5.28
N THR B 53 -2.16 29.66 -4.74
CA THR B 53 -3.16 29.33 -3.72
C THR B 53 -2.44 28.85 -2.46
N HIS B 54 -2.83 29.41 -1.31
CA HIS B 54 -2.32 28.96 -0.03
C HIS B 54 -3.42 28.27 0.76
N VAL B 55 -3.18 27.02 1.13
CA VAL B 55 -4.15 26.24 1.89
C VAL B 55 -3.64 26.02 3.32
N THR B 56 -4.54 26.16 4.30
CA THR B 56 -4.22 25.89 5.69
C THR B 56 -5.29 24.98 6.27
N GLY B 57 -4.92 24.19 7.27
CA GLY B 57 -5.82 23.19 7.83
C GLY B 57 -5.99 22.00 6.90
N PHE B 58 -5.00 21.81 6.04
CA PHE B 58 -5.04 20.75 5.04
C PHE B 58 -4.98 19.37 5.68
N LEU B 59 -5.77 18.44 5.15
CA LEU B 59 -5.77 17.05 5.61
C LEU B 59 -5.18 16.12 4.55
N GLU B 60 -4.11 15.43 4.91
CA GLU B 60 -3.46 14.49 4.01
CA GLU B 60 -3.46 14.50 4.00
C GLU B 60 -4.08 13.10 4.14
N GLY B 61 -5.02 12.79 3.25
CA GLY B 61 -5.66 11.49 3.23
C GLY B 61 -5.38 10.72 1.95
N GLU B 62 -6.16 9.68 1.72
CA GLU B 62 -6.03 8.85 0.52
C GLU B 62 -6.33 9.68 -0.73
N ASP B 63 -7.32 10.55 -0.63
CA ASP B 63 -7.74 11.39 -1.75
C ASP B 63 -6.71 12.46 -2.04
N ALA B 64 -6.23 13.11 -0.98
CA ALA B 64 -5.26 14.18 -1.11
C ALA B 64 -3.97 13.67 -1.77
N LEU B 65 -3.52 12.51 -1.33
CA LEU B 65 -2.25 11.95 -1.79
C LEU B 65 -2.28 11.64 -3.28
N ALA B 66 -3.37 11.04 -3.75
CA ALA B 66 -3.51 10.69 -5.16
C ALA B 66 -3.66 11.91 -6.05
N THR B 67 -4.46 12.88 -5.59
CA THR B 67 -4.72 14.08 -6.36
C THR B 67 -3.49 14.99 -6.38
N LEU B 68 -2.79 15.05 -5.26
CA LEU B 68 -1.55 15.81 -5.18
C LEU B 68 -0.54 15.30 -6.19
N GLN B 69 -0.34 13.98 -6.21
CA GLN B 69 0.60 13.35 -7.12
C GLN B 69 0.18 13.55 -8.58
N ALA B 70 -1.12 13.41 -8.82
CA ALA B 70 -1.66 13.54 -10.18
C ALA B 70 -1.33 14.89 -10.80
N PHE B 71 -1.55 15.96 -10.04
CA PHE B 71 -1.32 17.31 -10.55
C PHE B 71 0.18 17.61 -10.65
N ARG B 72 0.97 17.02 -9.76
CA ARG B 72 2.41 17.13 -9.88
C ARG B 72 2.87 16.47 -11.18
N ASP B 73 2.29 15.30 -11.48
CA ASP B 73 2.62 14.59 -12.71
C ASP B 73 2.23 15.39 -13.95
N MET B 74 1.23 16.25 -13.81
CA MET B 74 0.74 17.05 -14.93
C MET B 74 1.37 18.46 -14.95
N GLY B 75 2.49 18.62 -14.25
CA GLY B 75 3.31 19.82 -14.41
C GLY B 75 3.09 20.91 -13.38
N VAL B 76 2.16 20.69 -12.46
CA VAL B 76 1.85 21.69 -11.44
C VAL B 76 2.85 21.58 -10.29
N SER B 77 3.45 22.70 -9.91
CA SER B 77 4.35 22.75 -8.77
C SER B 77 3.56 22.96 -7.48
N ILE B 78 3.81 22.10 -6.49
CA ILE B 78 3.07 22.15 -5.23
C ILE B 78 4.03 21.93 -4.06
N GLU B 79 4.07 22.91 -3.16
CA GLU B 79 4.83 22.80 -1.91
C GLU B 79 3.96 22.25 -0.78
N GLY B 80 4.49 21.28 -0.04
CA GLY B 80 3.79 20.68 1.08
C GLY B 80 3.07 19.41 0.69
N PRO B 81 2.16 18.92 1.54
CA PRO B 81 1.69 19.52 2.81
C PRO B 81 2.73 19.45 3.92
N LYS B 82 2.70 20.46 4.80
CA LYS B 82 3.58 20.52 5.95
C LYS B 82 2.87 21.29 7.08
N ASN B 83 2.51 20.58 8.14
CA ASN B 83 1.74 21.16 9.23
C ASN B 83 0.45 21.79 8.72
N GLY B 84 -0.21 21.07 7.82
CA GLY B 84 -1.50 21.48 7.28
C GLY B 84 -1.42 22.61 6.28
N GLU B 85 -0.20 22.97 5.87
CA GLU B 85 -0.02 24.09 4.94
C GLU B 85 0.41 23.59 3.57
N VAL B 86 -0.27 24.08 2.54
CA VAL B 86 0.03 23.72 1.15
C VAL B 86 0.02 24.95 0.26
N THR B 87 1.07 25.11 -0.54
CA THR B 87 1.14 26.17 -1.54
C THR B 87 1.05 25.58 -2.94
N ILE B 88 0.08 26.06 -3.71
CA ILE B 88 -0.16 25.57 -5.07
C ILE B 88 0.10 26.69 -6.07
N HIS B 89 1.10 26.50 -6.92
CA HIS B 89 1.37 27.46 -7.99
C HIS B 89 0.55 27.10 -9.22
N GLY B 90 -0.68 27.60 -9.25
CA GLY B 90 -1.62 27.29 -10.32
C GLY B 90 -1.13 27.62 -11.70
N VAL B 91 -1.63 26.88 -12.69
CA VAL B 91 -1.18 27.00 -14.07
C VAL B 91 -2.28 27.47 -15.02
N GLY B 92 -3.45 27.79 -14.46
CA GLY B 92 -4.55 28.27 -15.27
C GLY B 92 -5.37 27.14 -15.87
N MET B 93 -6.49 27.49 -16.49
CA MET B 93 -7.45 26.52 -17.01
C MET B 93 -6.88 25.62 -18.10
N HIS B 94 -5.82 26.08 -18.77
CA HIS B 94 -5.25 25.36 -19.91
C HIS B 94 -3.76 25.09 -19.73
N GLY B 95 -3.30 25.14 -18.48
CA GLY B 95 -1.88 24.98 -18.19
C GLY B 95 -1.45 23.57 -17.83
N LEU B 96 -2.41 22.65 -17.76
CA LEU B 96 -2.07 21.27 -17.44
C LEU B 96 -1.23 20.65 -18.55
N LYS B 97 -0.28 19.80 -18.15
CA LYS B 97 0.59 19.11 -19.10
C LYS B 97 0.30 17.62 -19.08
N ALA B 98 0.58 16.95 -20.20
CA ALA B 98 0.29 15.54 -20.33
C ALA B 98 1.14 14.71 -19.37
N PRO B 99 0.52 13.75 -18.66
CA PRO B 99 1.34 12.90 -17.80
C PRO B 99 2.18 11.93 -18.62
N ALA B 100 3.43 11.72 -18.21
CA ALA B 100 4.35 10.87 -18.95
C ALA B 100 3.92 9.41 -18.88
N SER B 101 3.16 9.07 -17.84
CA SER B 101 2.68 7.71 -17.66
C SER B 101 1.31 7.72 -16.98
N ALA B 102 0.83 6.55 -16.59
CA ALA B 102 -0.47 6.41 -15.96
C ALA B 102 -0.55 7.15 -14.63
N LEU B 103 -1.70 7.76 -14.37
CA LEU B 103 -1.95 8.43 -13.11
C LEU B 103 -2.49 7.44 -12.08
N TYR B 104 -1.67 7.11 -11.09
CA TYR B 104 -2.02 6.12 -10.09
C TYR B 104 -2.89 6.73 -9.00
N MET B 105 -4.10 6.18 -8.85
CA MET B 105 -5.10 6.74 -7.95
C MET B 105 -5.13 6.05 -6.59
N GLY B 106 -4.40 4.95 -6.46
CA GLY B 106 -4.42 4.18 -5.23
C GLY B 106 -5.80 3.61 -4.98
N ASN B 107 -6.39 3.99 -3.84
CA ASN B 107 -7.73 3.56 -3.48
C ASN B 107 -8.74 4.69 -3.55
N SER B 108 -8.32 5.83 -4.11
CA SER B 108 -9.16 7.01 -4.13
C SER B 108 -10.13 7.01 -5.32
N GLY B 109 -11.30 6.42 -5.10
CA GLY B 109 -12.37 6.47 -6.09
C GLY B 109 -12.83 7.90 -6.30
N THR B 110 -12.78 8.70 -5.24
CA THR B 110 -13.17 10.10 -5.30
C THR B 110 -12.30 10.87 -6.29
N SER B 111 -10.98 10.71 -6.16
CA SER B 111 -10.05 11.34 -7.10
C SER B 111 -10.35 10.89 -8.52
N MET B 112 -10.50 9.58 -8.72
CA MET B 112 -10.71 9.03 -10.05
C MET B 112 -11.98 9.57 -10.70
N ARG B 113 -13.06 9.68 -9.94
CA ARG B 113 -14.33 10.15 -10.49
C ARG B 113 -14.29 11.63 -10.79
N LEU B 114 -13.72 12.43 -9.89
CA LEU B 114 -13.64 13.88 -10.12
C LEU B 114 -12.63 14.21 -11.24
N LEU B 115 -11.50 13.50 -11.26
CA LEU B 115 -10.49 13.76 -12.28
C LEU B 115 -10.95 13.30 -13.66
N SER B 116 -11.83 12.31 -13.71
CA SER B 116 -12.42 11.86 -14.98
C SER B 116 -13.03 13.02 -15.76
N GLY B 117 -13.90 13.77 -15.09
CA GLY B 117 -14.55 14.92 -15.72
C GLY B 117 -13.53 15.94 -16.20
N MET B 118 -12.57 16.24 -15.32
CA MET B 118 -11.52 17.21 -15.62
C MET B 118 -10.62 16.73 -16.77
N LEU B 119 -10.20 15.47 -16.71
CA LEU B 119 -9.29 14.92 -17.71
C LEU B 119 -9.96 14.74 -19.08
N SER B 120 -11.28 14.57 -19.08
CA SER B 120 -12.01 14.34 -20.33
C SER B 120 -12.09 15.60 -21.18
N ALA B 121 -11.65 16.73 -20.62
CA ALA B 121 -11.73 18.02 -21.30
C ALA B 121 -10.36 18.54 -21.74
N GLN B 122 -9.31 17.78 -21.47
CA GLN B 122 -7.94 18.23 -21.72
C GLN B 122 -7.47 17.93 -23.15
N LYS B 123 -6.41 18.62 -23.56
CA LYS B 123 -5.82 18.41 -24.88
C LYS B 123 -5.28 17.00 -25.06
N PHE B 124 -4.77 16.46 -23.95
CA PHE B 124 -3.99 15.23 -23.97
C PHE B 124 -4.77 14.02 -23.49
N ASP B 125 -4.27 12.84 -23.83
CA ASP B 125 -4.84 11.59 -23.35
C ASP B 125 -4.34 11.31 -21.93
N SER B 126 -5.04 10.41 -21.23
CA SER B 126 -4.62 10.01 -19.90
C SER B 126 -5.18 8.65 -19.55
N VAL B 127 -4.49 7.96 -18.66
CA VAL B 127 -4.98 6.70 -18.10
C VAL B 127 -4.93 6.79 -16.58
N MET B 128 -6.04 6.45 -15.95
CA MET B 128 -6.11 6.38 -14.50
C MET B 128 -6.21 4.93 -14.04
N THR B 129 -5.35 4.55 -13.12
CA THR B 129 -5.31 3.19 -12.61
C THR B 129 -5.33 3.24 -11.09
N GLY B 130 -5.70 2.13 -10.46
CA GLY B 130 -5.82 2.09 -9.01
C GLY B 130 -5.35 0.79 -8.39
N ASP B 131 -5.46 0.68 -7.07
CA ASP B 131 -5.06 -0.54 -6.39
C ASP B 131 -6.14 -1.61 -6.51
N ALA B 132 -5.99 -2.69 -5.76
CA ALA B 132 -6.88 -3.85 -5.88
C ALA B 132 -8.33 -3.51 -5.53
N SER B 133 -8.51 -2.61 -4.56
CA SER B 133 -9.85 -2.25 -4.12
C SER B 133 -10.58 -1.44 -5.17
N LEU B 134 -9.86 -0.49 -5.76
CA LEU B 134 -10.44 0.42 -6.75
C LEU B 134 -10.76 -0.30 -8.06
N SER B 135 -10.00 -1.34 -8.36
CA SER B 135 -10.16 -2.11 -9.59
C SER B 135 -11.53 -2.77 -9.72
N LYS B 136 -12.24 -2.92 -8.61
CA LYS B 136 -13.54 -3.58 -8.63
C LYS B 136 -14.71 -2.60 -8.77
N ARG B 137 -14.41 -1.31 -8.64
CA ARG B 137 -15.45 -0.28 -8.60
C ARG B 137 -15.84 0.24 -9.99
N PRO B 138 -17.13 0.09 -10.37
CA PRO B 138 -17.57 0.60 -11.67
C PRO B 138 -17.49 2.11 -11.78
N MET B 139 -17.25 2.60 -13.00
CA MET B 139 -17.05 4.02 -13.25
C MET B 139 -17.99 4.55 -14.32
N GLU B 140 -19.05 3.80 -14.61
CA GLU B 140 -19.93 4.14 -15.71
C GLU B 140 -20.95 5.21 -15.36
N ARG B 141 -21.19 5.42 -14.07
CA ARG B 141 -22.14 6.45 -13.64
C ARG B 141 -21.59 7.85 -13.88
N ILE B 142 -20.27 7.97 -13.89
CA ILE B 142 -19.62 9.24 -14.21
C ILE B 142 -19.24 9.27 -15.68
N ALA B 143 -18.84 8.12 -16.22
CA ALA B 143 -18.42 8.04 -17.62
C ALA B 143 -19.59 8.32 -18.57
N LYS B 144 -20.76 7.79 -18.25
CA LYS B 144 -21.92 7.89 -19.14
C LYS B 144 -22.32 9.35 -19.41
N PRO B 145 -22.56 10.15 -18.35
CA PRO B 145 -22.91 11.55 -18.62
C PRO B 145 -21.78 12.31 -19.31
N LEU B 146 -20.54 11.98 -19.01
CA LEU B 146 -19.41 12.63 -19.66
C LEU B 146 -19.41 12.30 -21.14
N ARG B 147 -19.80 11.07 -21.49
CA ARG B 147 -19.89 10.67 -22.89
C ARG B 147 -21.00 11.44 -23.60
N LEU B 148 -22.07 11.77 -22.87
CA LEU B 148 -23.15 12.55 -23.44
C LEU B 148 -22.67 13.97 -23.75
N MET B 149 -21.69 14.44 -22.97
CA MET B 149 -21.09 15.75 -23.21
C MET B 149 -20.09 15.70 -24.36
N GLY B 150 -19.75 14.50 -24.82
CA GLY B 150 -18.86 14.32 -25.95
C GLY B 150 -17.50 13.76 -25.59
N ALA B 151 -17.34 13.31 -24.35
CA ALA B 151 -16.07 12.76 -23.89
C ALA B 151 -15.84 11.35 -24.44
N GLN B 152 -14.58 11.05 -24.72
CA GLN B 152 -14.19 9.71 -25.16
C GLN B 152 -13.53 8.99 -23.99
N ILE B 153 -14.28 8.09 -23.36
CA ILE B 153 -13.84 7.44 -22.14
C ILE B 153 -14.04 5.94 -22.22
N GLN B 154 -12.92 5.22 -22.16
CA GLN B 154 -12.95 3.77 -22.17
C GLN B 154 -12.81 3.27 -20.74
N THR B 155 -13.65 2.30 -20.39
CA THR B 155 -13.55 1.61 -19.11
C THR B 155 -13.29 0.15 -19.41
N THR B 156 -13.01 -0.63 -18.36
CA THR B 156 -12.57 -2.01 -18.55
C THR B 156 -13.73 -2.99 -18.42
N GLY B 157 -13.93 -3.77 -19.48
CA GLY B 157 -14.90 -4.84 -19.47
C GLY B 157 -16.34 -4.36 -19.50
N GLU B 158 -17.26 -5.28 -19.21
CA GLU B 158 -18.69 -4.99 -19.26
C GLU B 158 -19.12 -4.23 -18.01
N LYS B 159 -18.43 -4.45 -16.89
CA LYS B 159 -18.73 -3.74 -15.65
C LYS B 159 -18.19 -2.31 -15.65
N GLY B 160 -17.37 -1.99 -16.65
CA GLY B 160 -16.78 -0.66 -16.78
C GLY B 160 -15.95 -0.22 -15.59
N THR B 161 -15.00 -1.05 -15.18
CA THR B 161 -14.11 -0.76 -14.06
C THR B 161 -12.79 -0.16 -14.55
N PRO B 162 -11.93 0.28 -13.61
CA PRO B 162 -10.62 0.78 -14.04
C PRO B 162 -9.74 -0.34 -14.59
N PRO B 163 -8.67 0.01 -15.33
CA PRO B 163 -8.23 1.36 -15.65
C PRO B 163 -9.20 2.16 -16.53
N VAL B 164 -9.20 3.47 -16.34
CA VAL B 164 -10.02 4.39 -17.13
C VAL B 164 -9.13 5.12 -18.11
N SER B 165 -9.38 4.90 -19.40
CA SER B 165 -8.56 5.48 -20.46
C SER B 165 -9.31 6.59 -21.17
N ILE B 166 -8.76 7.80 -21.09
CA ILE B 166 -9.42 8.97 -21.64
C ILE B 166 -8.64 9.53 -22.83
N THR B 167 -9.39 9.87 -23.88
CA THR B 167 -8.82 10.47 -25.07
C THR B 167 -9.19 11.96 -25.11
N GLY B 168 -8.17 12.81 -25.17
CA GLY B 168 -8.37 14.25 -25.13
C GLY B 168 -8.60 14.85 -26.49
N GLY B 169 -8.64 16.18 -26.55
CA GLY B 169 -8.80 16.90 -27.80
C GLY B 169 -10.23 16.96 -28.26
N GLN B 170 -11.17 16.86 -27.32
CA GLN B 170 -12.59 16.91 -27.63
C GLN B 170 -13.10 18.31 -27.36
N GLN B 171 -14.23 18.66 -27.97
CA GLN B 171 -14.92 19.90 -27.64
C GLN B 171 -16.21 19.50 -26.95
N LEU B 172 -16.25 19.72 -25.63
CA LEU B 172 -17.38 19.27 -24.84
C LEU B 172 -18.49 20.31 -24.88
N LYS B 173 -19.72 19.81 -24.82
CA LYS B 173 -20.91 20.64 -24.86
C LYS B 173 -21.76 20.36 -23.62
N GLY B 174 -22.31 21.41 -23.04
CA GLY B 174 -23.10 21.28 -21.82
C GLY B 174 -24.36 20.46 -22.03
N ILE B 175 -24.70 19.65 -21.04
CA ILE B 175 -25.91 18.83 -21.10
C ILE B 175 -26.82 19.09 -19.90
N GLN B 176 -28.06 18.65 -20.02
CA GLN B 176 -29.01 18.65 -18.92
C GLN B 176 -29.21 17.21 -18.47
N TYR B 177 -28.66 16.88 -17.29
CA TYR B 177 -28.61 15.50 -16.85
C TYR B 177 -29.43 15.29 -15.57
N ASP B 178 -30.33 14.32 -15.62
CA ASP B 178 -31.05 13.88 -14.43
C ASP B 178 -30.29 12.71 -13.85
N LEU B 179 -29.65 12.95 -12.72
CA LEU B 179 -28.78 11.95 -12.11
C LEU B 179 -29.64 10.82 -11.54
N PRO B 180 -29.48 9.60 -12.07
CA PRO B 180 -30.32 8.50 -11.57
C PRO B 180 -30.16 8.23 -10.08
N MET B 181 -28.92 8.25 -9.59
CA MET B 181 -28.64 8.00 -8.17
C MET B 181 -27.80 9.12 -7.59
N ALA B 182 -28.28 9.69 -6.49
CA ALA B 182 -27.60 10.80 -5.82
C ALA B 182 -26.13 10.48 -5.56
N SER B 183 -25.28 11.44 -5.84
CA SER B 183 -23.84 11.31 -5.63
C SER B 183 -23.16 12.65 -5.82
N ALA B 184 -22.52 13.14 -4.76
CA ALA B 184 -21.77 14.39 -4.84
C ALA B 184 -20.58 14.23 -5.77
N GLN B 185 -20.03 13.01 -5.82
CA GLN B 185 -18.87 12.73 -6.64
C GLN B 185 -19.19 12.75 -8.13
N VAL B 186 -20.27 12.08 -8.53
CA VAL B 186 -20.67 12.05 -9.93
C VAL B 186 -21.11 13.44 -10.36
N LYS B 187 -21.86 14.11 -9.49
CA LYS B 187 -22.27 15.50 -9.73
C LYS B 187 -21.03 16.35 -9.96
N SER B 188 -20.04 16.19 -9.10
CA SER B 188 -18.82 16.99 -9.15
C SER B 188 -18.05 16.71 -10.42
N GLY B 189 -18.01 15.46 -10.85
CA GLY B 189 -17.32 15.07 -12.06
C GLY B 189 -17.89 15.78 -13.27
N ILE B 190 -19.22 15.80 -13.35
CA ILE B 190 -19.91 16.41 -14.48
C ILE B 190 -19.66 17.92 -14.50
N LEU B 191 -19.76 18.57 -13.35
CA LEU B 191 -19.57 20.02 -13.27
C LEU B 191 -18.15 20.43 -13.64
N LEU B 192 -17.18 19.60 -13.26
CA LEU B 192 -15.78 19.90 -13.56
C LEU B 192 -15.50 19.86 -15.05
N ALA B 193 -16.10 18.88 -15.72
CA ALA B 193 -16.02 18.81 -17.18
C ALA B 193 -16.71 20.02 -17.80
N GLY B 194 -17.80 20.45 -17.18
CA GLY B 194 -18.57 21.57 -17.68
C GLY B 194 -17.82 22.88 -17.67
N LEU B 195 -16.70 22.93 -16.95
CA LEU B 195 -15.90 24.14 -16.88
C LEU B 195 -15.27 24.46 -18.24
N TRP B 196 -15.04 23.42 -19.03
CA TRP B 196 -14.43 23.57 -20.36
C TRP B 196 -15.44 23.38 -21.48
N ALA B 197 -16.66 22.96 -21.13
CA ALA B 197 -17.68 22.69 -22.13
C ALA B 197 -18.30 23.99 -22.62
N GLU B 198 -18.91 23.94 -23.80
CA GLU B 198 -19.59 25.09 -24.37
C GLU B 198 -21.03 25.11 -23.86
N GLY B 199 -21.41 26.19 -23.19
CA GLY B 199 -22.76 26.36 -22.69
C GLY B 199 -22.92 25.93 -21.24
N GLU B 200 -24.15 25.58 -20.86
CA GLU B 200 -24.48 25.26 -19.48
C GLU B 200 -24.55 23.76 -19.22
N THR B 201 -23.85 23.33 -18.18
CA THR B 201 -23.96 21.96 -17.68
C THR B 201 -24.76 21.98 -16.38
N SER B 202 -25.78 21.13 -16.29
CA SER B 202 -26.65 21.10 -15.12
C SER B 202 -26.91 19.67 -14.66
N VAL B 203 -26.86 19.47 -13.35
CA VAL B 203 -27.14 18.17 -12.75
C VAL B 203 -28.32 18.28 -11.80
N THR B 204 -29.29 17.38 -11.95
CA THR B 204 -30.44 17.31 -11.05
C THR B 204 -30.38 16.03 -10.24
N GLU B 205 -30.14 16.18 -8.94
CA GLU B 205 -30.01 15.04 -8.04
C GLU B 205 -31.35 14.76 -7.35
N PRO B 206 -31.74 13.47 -7.31
CA PRO B 206 -33.05 13.11 -6.74
C PRO B 206 -33.08 13.24 -5.22
N GLU B 207 -31.90 13.34 -4.63
CA GLU B 207 -31.76 13.51 -3.19
C GLU B 207 -30.61 14.47 -2.91
N PRO B 208 -30.76 15.31 -1.89
CA PRO B 208 -29.73 16.33 -1.64
C PRO B 208 -28.41 15.73 -1.19
N THR B 209 -27.31 16.23 -1.76
CA THR B 209 -25.97 15.79 -1.37
C THR B 209 -25.15 17.00 -0.93
N ARG B 210 -23.95 16.75 -0.42
CA ARG B 210 -23.07 17.81 0.04
C ARG B 210 -22.57 18.64 -1.14
N ASP B 211 -22.21 19.89 -0.85
CA ASP B 211 -21.90 20.86 -1.89
C ASP B 211 -20.53 21.53 -1.71
N HIS B 212 -19.57 20.79 -1.17
CA HIS B 212 -18.24 21.34 -0.93
C HIS B 212 -17.56 21.72 -2.25
N THR B 213 -17.86 20.95 -3.30
CA THR B 213 -17.33 21.25 -4.63
C THR B 213 -17.83 22.59 -5.14
N GLU B 214 -19.14 22.81 -5.07
CA GLU B 214 -19.75 24.03 -5.55
C GLU B 214 -19.21 25.25 -4.80
N ARG B 215 -19.17 25.14 -3.48
CA ARG B 215 -18.76 26.25 -2.63
C ARG B 215 -17.30 26.61 -2.88
N MET B 216 -16.47 25.61 -3.16
CA MET B 216 -15.06 25.84 -3.42
C MET B 216 -14.85 26.53 -4.76
N LEU B 217 -15.65 26.13 -5.75
CA LEU B 217 -15.64 26.77 -7.05
C LEU B 217 -15.95 28.27 -6.91
N ARG B 218 -16.90 28.58 -6.04
CA ARG B 218 -17.29 29.96 -5.78
C ARG B 218 -16.16 30.73 -5.10
N ALA B 219 -15.47 30.06 -4.17
CA ALA B 219 -14.33 30.67 -3.48
C ALA B 219 -13.25 31.07 -4.48
N PHE B 220 -13.13 30.29 -5.55
CA PHE B 220 -12.15 30.55 -6.60
C PHE B 220 -12.74 31.43 -7.71
N GLY B 221 -13.92 31.99 -7.45
CA GLY B 221 -14.48 33.02 -8.32
C GLY B 221 -15.34 32.51 -9.45
N TYR B 222 -15.69 31.22 -9.43
CA TYR B 222 -16.56 30.66 -10.48
C TYR B 222 -18.02 30.72 -10.05
N ASP B 223 -18.88 31.11 -10.98
CA ASP B 223 -20.32 31.18 -10.72
C ASP B 223 -20.95 29.79 -10.88
N VAL B 224 -21.60 29.33 -9.81
CA VAL B 224 -22.31 28.06 -9.83
C VAL B 224 -23.73 28.29 -9.31
N LYS B 225 -24.71 27.95 -10.15
CA LYS B 225 -26.11 28.15 -9.81
C LYS B 225 -26.65 26.97 -9.00
N THR B 226 -27.10 27.25 -7.78
CA THR B 226 -27.80 26.26 -6.97
C THR B 226 -29.26 26.67 -6.80
N GLU B 227 -30.15 25.93 -7.47
CA GLU B 227 -31.57 26.25 -7.46
C GLU B 227 -32.37 25.01 -7.09
N GLY B 228 -32.51 24.79 -5.79
CA GLY B 228 -33.15 23.58 -5.30
C GLY B 228 -32.24 22.38 -5.51
N ASN B 229 -32.70 21.42 -6.28
CA ASN B 229 -31.93 20.21 -6.57
C ASN B 229 -31.21 20.29 -7.91
N LYS B 230 -31.32 21.42 -8.58
CA LYS B 230 -30.70 21.60 -9.89
C LYS B 230 -29.44 22.46 -9.75
N ILE B 231 -28.29 21.85 -9.99
CA ILE B 231 -27.00 22.52 -9.84
C ILE B 231 -26.32 22.67 -11.20
N SER B 232 -25.98 23.90 -11.56
CA SER B 232 -25.43 24.16 -12.88
C SER B 232 -24.37 25.27 -12.91
N LEU B 233 -23.59 25.28 -13.98
CA LEU B 233 -22.65 26.35 -14.25
C LEU B 233 -22.46 26.48 -15.76
N VAL B 234 -21.79 27.54 -16.20
CA VAL B 234 -21.52 27.75 -17.61
C VAL B 234 -20.01 27.72 -17.87
N GLY B 235 -19.60 26.96 -18.87
CA GLY B 235 -18.19 26.77 -19.14
C GLY B 235 -17.54 27.97 -19.79
N GLY B 236 -16.21 27.98 -19.79
CA GLY B 236 -15.44 29.06 -20.39
C GLY B 236 -14.92 30.04 -19.36
N GLY B 237 -15.38 29.89 -18.13
CA GLY B 237 -14.99 30.77 -17.04
C GLY B 237 -13.54 30.62 -16.58
N LYS B 238 -13.24 31.27 -15.46
CA LYS B 238 -11.88 31.32 -14.92
C LYS B 238 -11.85 31.12 -13.40
N LEU B 239 -10.86 30.35 -12.94
CA LEU B 239 -10.62 30.18 -11.51
C LEU B 239 -9.46 31.09 -11.10
N VAL B 240 -9.62 31.75 -9.96
CA VAL B 240 -8.63 32.69 -9.46
C VAL B 240 -8.06 32.19 -8.14
N GLY B 241 -6.74 32.08 -8.08
CA GLY B 241 -6.06 31.62 -6.89
C GLY B 241 -6.37 32.49 -5.69
N THR B 242 -6.45 31.87 -4.52
CA THR B 242 -6.77 32.57 -3.30
C THR B 242 -6.27 31.82 -2.08
N ASN B 243 -6.53 32.35 -0.89
CA ASN B 243 -6.18 31.66 0.34
C ASN B 243 -7.37 30.86 0.87
N ILE B 244 -7.13 29.57 1.14
CA ILE B 244 -8.20 28.66 1.57
C ILE B 244 -7.94 28.13 2.97
N GLN B 245 -8.78 28.55 3.90
CA GLN B 245 -8.78 27.99 5.25
C GLN B 245 -9.73 26.81 5.28
N VAL B 246 -9.18 25.60 5.44
CA VAL B 246 -10.01 24.40 5.48
C VAL B 246 -10.73 24.33 6.82
N PRO B 247 -12.08 24.16 6.78
CA PRO B 247 -12.79 24.04 8.05
C PRO B 247 -12.45 22.75 8.80
N SER B 248 -12.39 22.82 10.12
CA SER B 248 -12.21 21.61 10.90
C SER B 248 -13.42 20.72 10.68
N ASP B 249 -13.18 19.41 10.63
CA ASP B 249 -14.23 18.46 10.29
C ASP B 249 -15.24 18.33 11.43
N ILE B 250 -16.48 18.74 11.15
CA ILE B 250 -17.53 18.68 12.16
C ILE B 250 -17.82 17.23 12.56
N SER B 251 -17.61 16.29 11.64
CA SER B 251 -17.84 14.88 11.96
C SER B 251 -16.85 14.39 13.01
N SER B 252 -15.65 14.97 13.00
CA SER B 252 -14.64 14.68 14.00
C SER B 252 -14.92 15.47 15.28
N ALA B 253 -15.32 16.72 15.11
CA ALA B 253 -15.63 17.60 16.23
C ALA B 253 -16.77 17.04 17.07
N ALA B 254 -17.69 16.33 16.43
CA ALA B 254 -18.89 15.82 17.09
C ALA B 254 -18.55 14.94 18.30
N PHE B 255 -17.46 14.18 18.20
CA PHE B 255 -17.06 13.29 19.29
C PHE B 255 -16.73 14.09 20.54
N PHE B 256 -16.16 15.27 20.36
CA PHE B 256 -15.78 16.11 21.48
C PHE B 256 -16.97 16.93 21.98
N MET B 257 -17.91 17.22 21.09
CA MET B 257 -19.18 17.81 21.50
C MET B 257 -19.86 16.89 22.50
N VAL B 258 -19.99 15.61 22.12
CA VAL B 258 -20.64 14.61 22.96
C VAL B 258 -19.85 14.44 24.25
N GLY B 259 -18.53 14.33 24.13
CA GLY B 259 -17.66 14.12 25.28
C GLY B 259 -17.83 15.21 26.33
N ALA B 260 -17.97 16.45 25.86
CA ALA B 260 -18.15 17.58 26.76
C ALA B 260 -19.52 17.56 27.42
N ALA B 261 -20.53 17.12 26.66
CA ALA B 261 -21.90 17.18 27.14
C ALA B 261 -22.20 16.09 28.17
N ILE B 262 -21.36 15.05 28.22
CA ILE B 262 -21.59 13.93 29.13
C ILE B 262 -20.63 13.97 30.32
N THR B 263 -19.70 14.92 30.32
CA THR B 263 -18.70 15.03 31.38
C THR B 263 -18.98 16.23 32.27
N GLU B 264 -19.03 15.99 33.58
CA GLU B 264 -19.37 17.02 34.54
C GLU B 264 -18.38 18.19 34.51
N GLY B 265 -18.92 19.40 34.40
CA GLY B 265 -18.10 20.61 34.46
C GLY B 265 -17.19 20.79 33.27
N ALA B 266 -17.42 20.00 32.23
CA ALA B 266 -16.60 20.08 31.03
C ALA B 266 -16.70 21.47 30.41
N ASP B 267 -15.62 21.90 29.76
CA ASP B 267 -15.58 23.18 29.10
C ASP B 267 -14.68 23.07 27.88
N VAL B 268 -15.30 22.90 26.71
CA VAL B 268 -14.59 22.66 25.47
C VAL B 268 -14.99 23.68 24.41
N VAL B 269 -13.98 24.25 23.75
CA VAL B 269 -14.18 25.11 22.60
C VAL B 269 -13.54 24.44 21.39
N LEU B 270 -14.36 24.13 20.39
CA LEU B 270 -13.87 23.56 19.14
C LEU B 270 -13.83 24.65 18.08
N GLU B 271 -12.61 25.01 17.68
CA GLU B 271 -12.39 26.16 16.80
C GLU B 271 -12.45 25.79 15.31
N ALA B 272 -12.87 26.76 14.51
CA ALA B 272 -12.89 26.65 13.05
C ALA B 272 -13.65 25.42 12.56
N VAL B 273 -14.75 25.10 13.24
CA VAL B 273 -15.59 23.99 12.83
C VAL B 273 -16.48 24.41 11.67
N GLY B 274 -16.46 23.63 10.60
CA GLY B 274 -17.35 23.85 9.48
C GLY B 274 -18.78 23.63 9.91
N ILE B 275 -19.66 24.58 9.61
CA ILE B 275 -21.07 24.48 9.98
C ILE B 275 -21.91 24.60 8.72
N ASN B 276 -21.44 23.95 7.66
CA ASN B 276 -22.19 23.80 6.43
C ASN B 276 -23.56 23.20 6.76
N PRO B 277 -24.65 23.86 6.35
CA PRO B 277 -25.99 23.41 6.79
C PRO B 277 -26.31 21.97 6.42
N THR B 278 -25.54 21.39 5.50
CA THR B 278 -25.71 19.99 5.12
C THR B 278 -24.95 19.06 6.08
N ARG B 279 -24.38 19.63 7.13
CA ARG B 279 -23.48 18.88 8.01
C ARG B 279 -23.75 19.11 9.50
N THR B 280 -24.68 20.01 9.81
CA THR B 280 -24.82 20.51 11.18
C THR B 280 -25.91 19.81 12.00
N GLY B 281 -26.30 18.61 11.58
CA GLY B 281 -27.36 17.90 12.27
C GLY B 281 -27.04 17.56 13.72
N VAL B 282 -25.78 17.24 14.00
CA VAL B 282 -25.37 16.87 15.36
C VAL B 282 -25.54 18.04 16.32
N ILE B 283 -25.31 19.26 15.83
CA ILE B 283 -25.48 20.46 16.64
C ILE B 283 -26.94 20.64 17.04
N GLU B 284 -27.82 20.57 16.05
CA GLU B 284 -29.25 20.76 16.29
C GLU B 284 -29.82 19.70 17.23
N ILE B 285 -29.39 18.45 17.04
CA ILE B 285 -29.91 17.35 17.85
C ILE B 285 -29.48 17.51 19.30
N LEU B 286 -28.19 17.80 19.52
CA LEU B 286 -27.69 17.99 20.88
C LEU B 286 -28.38 19.17 21.56
N LYS B 287 -28.58 20.24 20.80
CA LYS B 287 -29.29 21.41 21.32
C LYS B 287 -30.70 21.04 21.79
N GLN B 288 -31.38 20.21 21.01
CA GLN B 288 -32.74 19.79 21.34
C GLN B 288 -32.73 18.82 22.52
N MET B 289 -31.59 18.17 22.75
CA MET B 289 -31.42 17.29 23.90
C MET B 289 -31.04 18.09 25.15
N GLY B 290 -31.07 19.42 25.03
CA GLY B 290 -30.84 20.31 26.16
C GLY B 290 -29.37 20.53 26.45
N ALA B 291 -28.51 20.20 25.49
CA ALA B 291 -27.07 20.38 25.65
C ALA B 291 -26.72 21.85 25.77
N ASP B 292 -25.74 22.15 26.62
CA ASP B 292 -25.21 23.49 26.71
C ASP B 292 -24.15 23.67 25.63
N LEU B 293 -24.62 24.02 24.44
CA LEU B 293 -23.79 24.06 23.24
C LEU B 293 -24.15 25.31 22.43
N THR B 294 -23.19 26.21 22.29
CA THR B 294 -23.40 27.47 21.58
C THR B 294 -22.51 27.55 20.34
N VAL B 295 -22.98 28.32 19.37
CA VAL B 295 -22.25 28.55 18.13
C VAL B 295 -21.82 30.00 18.10
N GLU B 296 -20.52 30.22 18.25
CA GLU B 296 -19.96 31.56 18.37
C GLU B 296 -19.00 31.87 17.23
N ASN B 297 -18.66 33.15 17.09
CA ASN B 297 -17.64 33.59 16.13
C ASN B 297 -17.88 33.08 14.72
N GLU B 298 -19.08 33.28 14.21
CA GLU B 298 -19.41 32.80 12.87
C GLU B 298 -18.74 33.69 11.83
N ARG B 299 -17.99 33.07 10.94
CA ARG B 299 -17.36 33.78 9.84
C ARG B 299 -17.22 32.84 8.65
N ILE B 300 -16.57 33.33 7.60
CA ILE B 300 -16.43 32.61 6.35
C ILE B 300 -14.99 32.19 6.11
N ALA B 301 -14.83 31.00 5.56
CA ALA B 301 -13.53 30.49 5.17
C ALA B 301 -13.71 29.81 3.82
N GLY B 302 -13.01 30.33 2.81
CA GLY B 302 -13.22 29.89 1.45
C GLY B 302 -14.68 30.15 1.09
N GLY B 303 -15.39 29.08 0.74
CA GLY B 303 -16.80 29.15 0.42
C GLY B 303 -17.63 28.49 1.50
N GLU B 304 -16.98 28.21 2.64
CA GLU B 304 -17.60 27.46 3.72
C GLU B 304 -17.83 28.32 4.96
N PRO B 305 -19.02 28.23 5.57
CA PRO B 305 -19.22 28.95 6.83
C PRO B 305 -18.57 28.20 7.98
N ILE B 306 -17.89 28.91 8.87
CA ILE B 306 -17.24 28.29 10.01
C ILE B 306 -17.59 29.02 11.29
N ALA B 307 -17.41 28.34 12.40
CA ALA B 307 -17.72 28.90 13.71
C ALA B 307 -16.97 28.15 14.79
N ASP B 308 -16.92 28.76 15.97
CA ASP B 308 -16.39 28.12 17.16
C ASP B 308 -17.55 27.49 17.93
N ILE B 309 -17.41 26.22 18.28
CA ILE B 309 -18.44 25.51 19.04
C ILE B 309 -18.01 25.40 20.50
N HIS B 310 -18.82 25.97 21.39
CA HIS B 310 -18.54 25.99 22.82
C HIS B 310 -19.50 25.07 23.56
N ILE B 311 -18.96 23.98 24.11
CA ILE B 311 -19.77 22.98 24.81
C ILE B 311 -19.40 22.89 26.28
N LYS B 312 -20.42 22.92 27.15
CA LYS B 312 -20.23 22.88 28.59
C LYS B 312 -21.04 21.76 29.24
N GLY B 313 -20.44 21.07 30.20
CA GLY B 313 -21.14 20.04 30.95
C GLY B 313 -21.83 20.67 32.15
N SER B 314 -22.71 21.62 31.88
CA SER B 314 -23.37 22.40 32.92
C SER B 314 -24.70 21.78 33.35
N ARG B 315 -25.21 20.85 32.56
CA ARG B 315 -26.48 20.19 32.87
C ARG B 315 -26.59 18.86 32.16
N THR B 316 -27.56 18.06 32.56
CA THR B 316 -27.74 16.72 32.03
C THR B 316 -28.58 16.71 30.76
N LEU B 317 -28.09 16.01 29.74
CA LEU B 317 -28.84 15.81 28.52
C LEU B 317 -30.17 15.11 28.82
N LYS B 318 -31.11 15.21 27.88
CA LYS B 318 -32.40 14.53 28.02
C LYS B 318 -32.74 13.84 26.71
N GLY B 319 -33.33 12.66 26.80
CA GLY B 319 -33.68 11.89 25.62
C GLY B 319 -34.88 12.50 24.93
N ILE B 320 -34.86 12.48 23.60
CA ILE B 320 -35.94 13.05 22.81
C ILE B 320 -36.27 12.13 21.66
N HIS B 321 -37.45 12.34 21.07
CA HIS B 321 -37.74 11.73 19.78
C HIS B 321 -37.01 12.58 18.76
N MET B 322 -35.88 12.06 18.26
CA MET B 322 -34.98 12.84 17.43
C MET B 322 -35.64 13.35 16.15
N PRO B 323 -35.40 14.63 15.80
CA PRO B 323 -36.04 15.23 14.61
C PRO B 323 -35.59 14.57 13.32
N GLU B 324 -36.54 14.15 12.50
CA GLU B 324 -36.23 13.39 11.30
C GLU B 324 -35.58 14.23 10.20
N ASP B 325 -35.82 15.54 10.23
CA ASP B 325 -35.25 16.41 9.19
C ASP B 325 -33.76 16.67 9.44
N GLN B 326 -33.26 16.21 10.58
CA GLN B 326 -31.84 16.36 10.92
C GLN B 326 -31.05 15.09 10.62
N VAL B 327 -31.74 14.00 10.31
CA VAL B 327 -31.09 12.71 10.12
C VAL B 327 -30.11 12.73 8.95
N PRO B 328 -30.52 13.27 7.79
CA PRO B 328 -29.57 13.35 6.67
C PRO B 328 -28.38 14.24 6.98
N LEU B 329 -28.56 15.19 7.90
CA LEU B 329 -27.53 16.17 8.21
C LEU B 329 -26.59 15.69 9.32
N ALA B 330 -26.91 14.56 9.93
CA ALA B 330 -26.12 14.02 11.04
C ALA B 330 -25.84 12.53 10.84
N ILE B 331 -25.86 12.09 9.59
CA ILE B 331 -25.85 10.67 9.26
C ILE B 331 -24.64 9.94 9.86
N ASP B 332 -23.48 10.59 9.83
CA ASP B 332 -22.26 9.99 10.34
C ASP B 332 -22.05 10.24 11.83
N GLU B 333 -22.89 11.09 12.41
CA GLU B 333 -22.71 11.51 13.80
C GLU B 333 -23.60 10.72 14.76
N PHE B 334 -24.38 9.78 14.25
CA PHE B 334 -25.30 9.03 15.10
C PHE B 334 -24.59 8.06 16.05
N PRO B 335 -23.49 7.42 15.60
CA PRO B 335 -22.73 6.62 16.56
C PRO B 335 -22.33 7.42 17.80
N ALA B 336 -21.92 8.67 17.60
CA ALA B 336 -21.55 9.54 18.70
C ALA B 336 -22.77 9.94 19.52
N LEU B 337 -23.89 10.17 18.82
CA LEU B 337 -25.12 10.61 19.47
C LEU B 337 -25.74 9.50 20.33
N PHE B 338 -25.48 8.25 19.98
CA PHE B 338 -25.99 7.13 20.76
C PHE B 338 -25.32 7.10 22.14
N ILE B 339 -24.05 7.50 22.19
CA ILE B 339 -23.35 7.62 23.46
C ILE B 339 -23.99 8.71 24.29
N ALA B 340 -24.37 9.81 23.64
CA ALA B 340 -25.02 10.92 24.32
C ALA B 340 -26.38 10.48 24.87
N ALA B 341 -27.12 9.72 24.07
CA ALA B 341 -28.44 9.26 24.46
C ALA B 341 -28.38 8.36 25.68
N ALA B 342 -27.33 7.57 25.79
CA ALA B 342 -27.16 6.65 26.91
C ALA B 342 -26.87 7.41 28.20
N CYS B 343 -26.16 8.52 28.09
CA CYS B 343 -25.83 9.36 29.24
C CYS B 343 -26.97 10.34 29.54
N ALA B 344 -27.96 10.39 28.65
CA ALA B 344 -29.06 11.32 28.80
C ALA B 344 -30.09 10.79 29.79
N GLU B 345 -30.94 11.69 30.27
CA GLU B 345 -32.02 11.33 31.18
C GLU B 345 -33.27 10.98 30.38
N GLY B 346 -33.79 9.77 30.60
CA GLY B 346 -35.01 9.34 29.94
C GLY B 346 -34.76 8.60 28.64
N GLN B 347 -35.84 8.34 27.92
CA GLN B 347 -35.79 7.53 26.71
C GLN B 347 -35.45 8.36 25.47
N THR B 348 -34.66 7.78 24.59
CA THR B 348 -34.36 8.38 23.28
C THR B 348 -34.91 7.48 22.18
N VAL B 349 -35.56 8.08 21.19
CA VAL B 349 -36.11 7.35 20.07
C VAL B 349 -35.65 7.96 18.75
N LEU B 350 -35.17 7.11 17.85
CA LEU B 350 -34.72 7.54 16.54
C LEU B 350 -35.57 6.87 15.45
N THR B 351 -36.02 7.65 14.48
CA THR B 351 -36.83 7.14 13.38
C THR B 351 -36.39 7.75 12.04
N GLY B 352 -36.79 7.09 10.95
CA GLY B 352 -36.48 7.58 9.61
C GLY B 352 -35.00 7.53 9.29
N ALA B 353 -34.29 6.54 9.84
CA ALA B 353 -32.85 6.42 9.66
C ALA B 353 -32.46 5.08 9.02
N ALA B 354 -33.29 4.59 8.11
CA ALA B 354 -33.02 3.32 7.44
C ALA B 354 -31.70 3.34 6.68
N GLU B 355 -31.35 4.50 6.13
CA GLU B 355 -30.08 4.70 5.43
C GLU B 355 -28.87 4.36 6.30
N LEU B 356 -29.03 4.47 7.62
CA LEU B 356 -27.94 4.30 8.56
C LEU B 356 -27.39 2.87 8.56
N ARG B 357 -28.22 1.93 8.12
CA ARG B 357 -27.85 0.54 7.94
C ARG B 357 -27.18 0.40 6.56
N VAL B 358 -26.38 -0.66 6.37
CA VAL B 358 -25.80 -1.04 5.07
C VAL B 358 -24.37 -0.56 4.80
N LYS B 359 -24.20 0.73 4.60
CA LYS B 359 -22.90 1.33 4.28
C LYS B 359 -21.87 1.41 5.40
N GLU B 360 -20.71 0.84 5.13
CA GLU B 360 -19.58 0.91 6.04
C GLU B 360 -19.93 0.45 7.44
N SER B 361 -20.65 -0.67 7.50
CA SER B 361 -21.14 -1.34 8.73
C SER B 361 -22.55 -0.90 9.08
N ASP B 362 -23.29 -1.80 9.73
CA ASP B 362 -24.64 -1.52 10.19
C ASP B 362 -24.45 -0.85 11.53
N ARG B 363 -24.32 0.46 11.50
CA ARG B 363 -23.92 1.23 12.68
C ARG B 363 -24.95 1.17 13.79
N ILE B 364 -26.22 1.01 13.43
CA ILE B 364 -27.25 0.87 14.45
C ILE B 364 -27.03 -0.39 15.29
N GLN B 365 -26.75 -1.51 14.63
CA GLN B 365 -26.65 -2.80 15.32
C GLN B 365 -25.33 -2.96 16.05
N VAL B 366 -24.24 -2.52 15.42
CA VAL B 366 -22.92 -2.61 16.03
C VAL B 366 -22.84 -1.74 17.28
N MET B 367 -23.42 -0.54 17.21
CA MET B 367 -23.50 0.32 18.38
C MET B 367 -24.38 -0.34 19.44
N ALA B 368 -25.48 -0.94 19.01
CA ALA B 368 -26.39 -1.63 19.91
C ALA B 368 -25.68 -2.77 20.63
N ASP B 369 -24.88 -3.53 19.89
CA ASP B 369 -24.11 -4.62 20.48
C ASP B 369 -23.19 -4.12 21.59
N GLY B 370 -22.40 -3.09 21.28
CA GLY B 370 -21.46 -2.54 22.24
C GLY B 370 -22.17 -1.94 23.45
N LEU B 371 -23.24 -1.20 23.20
CA LEU B 371 -24.00 -0.58 24.27
C LEU B 371 -24.58 -1.62 25.22
N LYS B 372 -25.11 -2.69 24.64
CA LYS B 372 -25.72 -3.77 25.41
C LYS B 372 -24.66 -4.44 26.29
N ILE B 373 -23.44 -4.57 25.78
CA ILE B 373 -22.34 -5.12 26.55
C ILE B 373 -21.98 -4.23 27.74
N MET B 374 -22.13 -2.92 27.56
CA MET B 374 -21.78 -1.97 28.61
C MET B 374 -22.95 -1.69 29.55
N GLY B 375 -24.02 -2.47 29.40
CA GLY B 375 -25.13 -2.43 30.36
C GLY B 375 -26.21 -1.44 30.01
N ILE B 376 -26.28 -1.04 28.74
CA ILE B 376 -27.29 -0.10 28.27
C ILE B 376 -28.46 -0.84 27.65
N ASP B 377 -29.64 -0.65 28.23
CA ASP B 377 -30.87 -1.16 27.67
C ASP B 377 -31.28 -0.35 26.45
N CYS B 378 -31.13 -0.94 25.27
CA CYS B 378 -31.59 -0.33 24.03
C CYS B 378 -32.23 -1.39 23.13
N THR B 379 -32.86 -0.94 22.05
CA THR B 379 -33.59 -1.84 21.15
C THR B 379 -33.60 -1.29 19.72
N PRO B 380 -32.82 -1.91 18.82
CA PRO B 380 -32.83 -1.51 17.40
C PRO B 380 -34.20 -1.66 16.75
N THR B 381 -34.55 -0.69 15.91
CA THR B 381 -35.76 -0.76 15.09
C THR B 381 -35.34 -0.72 13.63
N GLU B 382 -36.30 -0.80 12.71
CA GLU B 382 -35.99 -0.91 11.30
C GLU B 382 -35.54 0.42 10.69
N ASP B 383 -35.99 1.53 11.29
CA ASP B 383 -35.65 2.85 10.79
C ASP B 383 -34.95 3.68 11.86
N GLY B 384 -34.33 2.99 12.83
CA GLY B 384 -33.59 3.66 13.88
C GLY B 384 -33.33 2.79 15.09
N ILE B 385 -33.62 3.32 16.27
CA ILE B 385 -33.32 2.63 17.52
C ILE B 385 -34.00 3.33 18.71
N ILE B 386 -34.20 2.58 19.78
CA ILE B 386 -34.70 3.11 21.04
C ILE B 386 -33.64 2.89 22.12
N ILE B 387 -33.28 3.96 22.82
CA ILE B 387 -32.24 3.90 23.85
C ILE B 387 -32.77 4.44 25.18
N GLU B 388 -32.63 3.63 26.23
CA GLU B 388 -32.98 4.06 27.58
C GLU B 388 -31.76 4.69 28.24
N GLY B 389 -31.73 6.02 28.29
CA GLY B 389 -30.65 6.71 28.94
C GLY B 389 -30.68 6.48 30.44
N LYS B 390 -29.50 6.35 31.04
CA LYS B 390 -29.38 6.13 32.48
C LYS B 390 -29.05 7.42 33.23
N GLY B 391 -28.96 8.52 32.50
CA GLY B 391 -28.63 9.80 33.12
C GLY B 391 -29.70 10.25 34.08
N LYS B 392 -29.29 11.07 35.04
CA LYS B 392 -30.22 11.71 35.97
C LYS B 392 -29.72 13.12 36.26
N SER B 393 -30.64 14.09 36.23
CA SER B 393 -30.28 15.49 36.43
C SER B 393 -29.52 15.69 37.74
N GLY B 394 -28.33 16.28 37.63
CA GLY B 394 -27.49 16.57 38.79
C GLY B 394 -26.60 15.40 39.17
N ASP B 395 -26.85 14.24 38.58
CA ASP B 395 -26.05 13.04 38.83
C ASP B 395 -25.07 12.80 37.68
N TRP B 396 -23.81 12.57 38.02
CA TRP B 396 -22.77 12.29 37.03
C TRP B 396 -22.02 11.00 37.35
N SER B 397 -22.76 10.00 37.83
CA SER B 397 -22.21 8.69 38.11
C SER B 397 -21.94 7.97 36.80
N PRO B 398 -21.12 6.90 36.81
CA PRO B 398 -20.84 6.20 35.55
C PRO B 398 -22.10 5.69 34.88
N ILE B 399 -22.13 5.79 33.55
CA ILE B 399 -23.27 5.36 32.76
C ILE B 399 -23.03 3.96 32.22
N PHE B 400 -21.80 3.72 31.79
CA PHE B 400 -21.42 2.45 31.17
C PHE B 400 -20.69 1.56 32.16
N ALA B 401 -20.79 0.25 31.95
CA ALA B 401 -20.19 -0.73 32.85
C ALA B 401 -18.79 -1.14 32.38
N GLY B 402 -18.46 -0.78 31.15
CA GLY B 402 -17.19 -1.17 30.56
C GLY B 402 -17.29 -2.51 29.88
N GLY B 403 -16.14 -3.11 29.58
CA GLY B 403 -16.09 -4.41 28.93
C GLY B 403 -15.30 -4.34 27.63
N GLU B 404 -15.30 -5.44 26.89
CA GLU B 404 -14.62 -5.50 25.60
C GLU B 404 -15.60 -5.23 24.45
N ILE B 405 -15.20 -4.32 23.57
CA ILE B 405 -16.07 -3.86 22.49
C ILE B 405 -15.50 -4.21 21.11
N GLU B 406 -16.39 -4.64 20.22
CA GLU B 406 -16.04 -4.90 18.83
C GLU B 406 -16.46 -3.72 17.96
N SER B 407 -15.49 -3.14 17.25
CA SER B 407 -15.76 -1.96 16.42
C SER B 407 -16.02 -2.34 14.97
N HIS B 408 -15.71 -3.57 14.59
CA HIS B 408 -15.81 -4.01 13.20
C HIS B 408 -15.00 -3.08 12.29
N HIS B 409 -13.90 -2.57 12.82
CA HIS B 409 -12.96 -1.76 12.05
C HIS B 409 -13.60 -0.48 11.51
N ASP B 410 -14.70 -0.07 12.14
CA ASP B 410 -15.37 1.19 11.83
C ASP B 410 -14.90 2.27 12.80
N HIS B 411 -14.17 3.25 12.27
CA HIS B 411 -13.55 4.29 13.10
C HIS B 411 -14.56 5.11 13.92
N ARG B 412 -15.73 5.36 13.37
CA ARG B 412 -16.73 6.15 14.10
C ARG B 412 -17.28 5.35 15.29
N ILE B 413 -17.34 4.03 15.14
CA ILE B 413 -17.74 3.16 16.25
C ILE B 413 -16.68 3.21 17.33
N ALA B 414 -15.42 3.08 16.93
CA ALA B 414 -14.30 3.05 17.86
C ALA B 414 -14.20 4.36 18.64
N MET B 415 -14.25 5.48 17.92
CA MET B 415 -14.14 6.78 18.56
C MET B 415 -15.35 7.04 19.46
N SER B 416 -16.51 6.55 19.06
CA SER B 416 -17.73 6.72 19.85
C SER B 416 -17.61 6.02 21.19
N PHE B 417 -17.24 4.74 21.16
CA PHE B 417 -17.09 3.97 22.39
C PHE B 417 -15.89 4.44 23.21
N SER B 418 -14.99 5.18 22.57
CA SER B 418 -13.88 5.79 23.29
C SER B 418 -14.41 6.89 24.21
N MET B 419 -15.39 7.66 23.71
CA MET B 419 -15.96 8.75 24.49
C MET B 419 -16.73 8.20 25.69
N ALA B 420 -17.19 6.96 25.57
CA ALA B 420 -17.91 6.31 26.66
C ALA B 420 -17.01 6.14 27.89
N GLY B 421 -15.70 6.16 27.66
CA GLY B 421 -14.74 6.02 28.74
C GLY B 421 -14.78 7.18 29.71
N LEU B 422 -15.49 8.24 29.36
CA LEU B 422 -15.66 9.40 30.25
C LEU B 422 -16.69 9.12 31.35
N ARG B 423 -17.48 8.07 31.17
CA ARG B 423 -18.55 7.74 32.11
C ARG B 423 -18.66 6.22 32.30
N THR B 424 -17.53 5.57 32.52
CA THR B 424 -17.51 4.12 32.69
C THR B 424 -17.04 3.73 34.09
N SER B 425 -17.65 2.68 34.64
CA SER B 425 -17.29 2.18 35.96
C SER B 425 -16.25 1.06 35.89
N GLY B 426 -15.98 0.57 34.68
CA GLY B 426 -15.01 -0.49 34.49
C GLY B 426 -14.15 -0.26 33.27
N PRO B 427 -13.05 -1.02 33.13
CA PRO B 427 -12.15 -0.88 31.98
C PRO B 427 -12.87 -1.10 30.65
N ILE B 428 -12.45 -0.36 29.62
CA ILE B 428 -12.98 -0.53 28.27
C ILE B 428 -11.86 -0.94 27.33
N THR B 429 -12.09 -2.01 26.57
CA THR B 429 -11.18 -2.45 25.52
C THR B 429 -11.92 -2.49 24.20
N ILE B 430 -11.49 -1.64 23.26
CA ILE B 430 -12.12 -1.56 21.95
C ILE B 430 -11.20 -2.20 20.91
N HIS B 431 -11.71 -3.20 20.19
CA HIS B 431 -10.94 -3.90 19.17
C HIS B 431 -11.14 -3.29 17.78
N GLY B 432 -10.11 -3.40 16.94
CA GLY B 432 -10.20 -2.95 15.57
C GLY B 432 -10.24 -1.44 15.43
N THR B 433 -9.25 -0.77 16.02
CA THR B 433 -9.23 0.68 16.10
C THR B 433 -8.21 1.31 15.14
N GLU B 434 -7.64 0.50 14.26
CA GLU B 434 -6.54 0.97 13.40
C GLU B 434 -6.97 2.00 12.35
N THR B 435 -8.27 2.07 12.07
CA THR B 435 -8.77 3.03 11.08
C THR B 435 -9.05 4.40 11.68
N VAL B 436 -8.99 4.51 13.00
CA VAL B 436 -9.24 5.77 13.68
C VAL B 436 -8.22 6.83 13.27
N ALA B 437 -6.95 6.44 13.21
CA ALA B 437 -5.87 7.36 12.88
C ALA B 437 -6.05 7.89 11.46
N THR B 438 -6.74 7.12 10.61
CA THR B 438 -6.98 7.52 9.23
C THR B 438 -8.03 8.64 9.14
N SER B 439 -9.08 8.53 9.96
CA SER B 439 -10.16 9.52 9.94
C SER B 439 -9.81 10.73 10.78
N PHE B 440 -9.28 10.46 11.97
CA PHE B 440 -9.02 11.49 12.98
C PHE B 440 -7.62 11.26 13.55
N PRO B 441 -6.57 11.68 12.80
CA PRO B 441 -5.18 11.42 13.15
C PRO B 441 -4.79 11.86 14.57
N THR B 442 -5.33 12.98 15.02
CA THR B 442 -4.96 13.56 16.30
C THR B 442 -5.96 13.21 17.40
N PHE B 443 -6.81 12.23 17.15
CA PHE B 443 -7.87 11.86 18.10
C PHE B 443 -7.34 11.53 19.49
N THR B 444 -6.41 10.58 19.57
CA THR B 444 -5.91 10.13 20.86
C THR B 444 -5.05 11.20 21.52
N GLU B 445 -4.33 11.97 20.72
CA GLU B 445 -3.53 13.08 21.25
C GLU B 445 -4.44 14.11 21.89
N LEU B 446 -5.46 14.53 21.14
CA LEU B 446 -6.37 15.56 21.61
C LEU B 446 -7.20 15.08 22.80
N ALA B 447 -7.65 13.83 22.74
CA ALA B 447 -8.42 13.24 23.82
C ALA B 447 -7.62 13.27 25.12
N ASN B 448 -6.37 12.84 25.05
CA ASN B 448 -5.50 12.81 26.22
C ASN B 448 -5.32 14.22 26.76
N ARG B 449 -5.14 15.18 25.86
CA ARG B 449 -4.98 16.57 26.27
C ARG B 449 -6.27 17.09 26.93
N ALA B 450 -7.41 16.56 26.49
CA ALA B 450 -8.70 16.96 27.03
C ALA B 450 -8.91 16.39 28.43
N GLY B 451 -8.36 15.20 28.67
CA GLY B 451 -8.50 14.53 29.94
C GLY B 451 -8.99 13.09 29.78
N LEU B 452 -9.10 12.64 28.55
CA LEU B 452 -9.50 11.27 28.24
C LEU B 452 -8.29 10.48 27.74
N THR B 453 -7.62 9.80 28.65
CA THR B 453 -6.41 9.02 28.32
C THR B 453 -6.76 7.71 27.62
N ILE B 454 -6.14 7.47 26.47
CA ILE B 454 -6.36 6.26 25.70
C ILE B 454 -5.04 5.59 25.36
N GLU B 455 -4.91 4.32 25.73
CA GLU B 455 -3.70 3.56 25.45
C GLU B 455 -3.90 2.70 24.21
N VAL B 456 -3.03 2.89 23.22
CA VAL B 456 -3.07 2.11 21.99
C VAL B 456 -2.19 0.89 22.14
N SER B 457 -2.70 -0.27 21.74
CA SER B 457 -1.97 -1.52 21.89
C SER B 457 -2.19 -2.45 20.70
N GLN B 458 -1.26 -3.39 20.54
CA GLN B 458 -1.34 -4.41 19.49
C GLN B 458 -1.49 -5.80 20.10
CL CL C . 14.40 -17.75 -13.42
CL CL D . 17.57 -8.15 -4.06
CL CL E . -18.80 17.61 -2.07
CL CL F . -17.45 7.82 7.41
#